data_9L91
#
_entry.id   9L91
#
_cell.length_a   261.666
_cell.length_b   59.960
_cell.length_c   60.759
_cell.angle_alpha   90.00
_cell.angle_beta   90.00
_cell.angle_gamma   90.00
#
_symmetry.space_group_name_H-M   'P 21 21 21'
#
loop_
_entity.id
_entity.type
_entity.pdbx_description
1 polymer 'Ryanodine receptor 3'
2 non-polymer 'PHOSPHOMETHYLPHOSPHONIC ACID ADENYLATE ESTER'
3 non-polymer Azumolene
4 water water
#
_entity_poly.entity_id   1
_entity_poly.type   'polypeptide(L)'
_entity_poly.pdbx_seq_one_letter_code
;SNASFIPCPVDTSQVILPPHLEKIRDRLAENIHELWGMNKIELGWTFGKIRDDNKRQHPCLVEFSKLPETEKNYNLQMST
ETLKTLLALGCHIAHVNPAAEEDLKKVKLPKNYMMSNGYKPAPLDLSDVKLLPPQEILVDKLAENAHNVWAKDRIKQGWT
YGIQQDLKNKRNPRLVPYALLDERTKKSNRDSLREAVRTFVGYGYNIEPSDQELADSA
;
_entity_poly.pdbx_strand_id   B,A,C,D
#
loop_
_chem_comp.id
_chem_comp.type
_chem_comp.name
_chem_comp.formula
A1L7B non-polymer Azumolene 'C13 H9 Br N4 O3'
ACP non-polymer 'PHOSPHOMETHYLPHOSPHONIC ACID ADENYLATE ESTER' 'C11 H18 N5 O12 P3'
#
# COMPACT_ATOMS: atom_id res chain seq x y z
N PHE A 5 -0.90 -48.75 0.04
CA PHE A 5 0.13 -48.19 -0.81
C PHE A 5 1.46 -48.09 -0.05
N ILE A 6 2.55 -48.41 -0.73
CA ILE A 6 3.86 -48.48 -0.09
C ILE A 6 4.87 -47.65 -0.89
N PRO A 7 5.00 -46.36 -0.61
CA PRO A 7 6.04 -45.57 -1.28
C PRO A 7 7.37 -45.61 -0.53
N CYS A 8 8.45 -45.89 -1.24
CA CYS A 8 9.78 -45.84 -0.66
C CYS A 8 10.75 -45.15 -1.61
N PRO A 9 11.24 -43.97 -1.27
CA PRO A 9 12.13 -43.24 -2.19
C PRO A 9 13.58 -43.66 -2.03
N VAL A 10 14.48 -43.03 -2.79
CA VAL A 10 15.90 -43.29 -2.64
C VAL A 10 16.30 -43.03 -1.19
N ASP A 11 17.18 -43.88 -0.67
CA ASP A 11 17.60 -43.80 0.73
C ASP A 11 18.76 -42.82 0.86
N THR A 12 18.46 -41.63 1.37
CA THR A 12 19.43 -40.56 1.60
C THR A 12 19.99 -40.57 3.01
N SER A 13 19.79 -41.67 3.75
CA SER A 13 20.10 -41.69 5.18
C SER A 13 21.55 -41.30 5.46
N GLN A 14 22.49 -41.86 4.70
CA GLN A 14 23.90 -41.72 5.05
C GLN A 14 24.58 -40.56 4.33
N VAL A 15 23.84 -39.74 3.58
CA VAL A 15 24.37 -38.62 2.80
C VAL A 15 24.43 -37.39 3.68
N ILE A 16 25.43 -36.55 3.45
CA ILE A 16 25.63 -35.34 4.25
C ILE A 16 25.71 -34.15 3.31
N LEU A 17 24.90 -33.16 3.57
CA LEU A 17 24.89 -31.93 2.78
C LEU A 17 26.11 -31.08 3.11
N PRO A 18 26.86 -30.61 2.11
CA PRO A 18 27.99 -29.73 2.42
C PRO A 18 27.48 -28.34 2.80
N PRO A 19 28.19 -27.64 3.68
CA PRO A 19 27.68 -26.32 4.11
C PRO A 19 27.65 -25.29 3.00
N HIS A 20 28.54 -25.39 2.01
CA HIS A 20 28.53 -24.46 0.88
C HIS A 20 27.37 -24.69 -0.07
N LEU A 21 26.67 -25.82 0.05
CA LEU A 21 25.50 -26.09 -0.76
C LEU A 21 24.21 -25.75 -0.03
N GLU A 22 24.31 -25.34 1.23
CA GLU A 22 23.14 -24.90 1.98
C GLU A 22 22.55 -23.61 1.43
N LYS A 23 23.30 -22.90 0.59
CA LYS A 23 22.82 -21.66 0.00
C LYS A 23 22.06 -21.91 -1.29
N ILE A 24 22.56 -22.81 -2.14
CA ILE A 24 21.78 -23.19 -3.32
C ILE A 24 20.55 -23.97 -2.90
N ARG A 25 20.60 -24.63 -1.74
CA ARG A 25 19.42 -25.28 -1.20
C ARG A 25 18.35 -24.28 -0.80
N ASP A 26 18.77 -23.11 -0.30
CA ASP A 26 17.81 -22.08 0.08
C ASP A 26 17.34 -21.29 -1.13
N ARG A 27 18.24 -21.01 -2.07
CA ARG A 27 17.82 -20.32 -3.29
C ARG A 27 16.83 -21.19 -4.06
N LEU A 28 17.04 -22.50 -4.04
CA LEU A 28 16.11 -23.42 -4.70
C LEU A 28 14.75 -23.44 -4.00
N ALA A 29 14.73 -23.30 -2.67
CA ALA A 29 13.46 -23.29 -1.96
C ALA A 29 12.69 -22.01 -2.23
N GLU A 30 13.38 -20.89 -2.41
CA GLU A 30 12.72 -19.63 -2.73
C GLU A 30 12.09 -19.70 -4.11
N ASN A 31 12.85 -20.17 -5.10
CA ASN A 31 12.38 -20.16 -6.49
C ASN A 31 11.24 -21.13 -6.71
N ILE A 32 11.36 -22.35 -6.18
CA ILE A 32 10.29 -23.32 -6.36
C ILE A 32 9.01 -22.81 -5.71
N HIS A 33 9.13 -22.06 -4.62
CA HIS A 33 7.97 -21.43 -4.02
C HIS A 33 7.43 -20.32 -4.92
N GLU A 34 8.33 -19.58 -5.58
CA GLU A 34 7.90 -18.53 -6.48
C GLU A 34 7.20 -19.12 -7.70
N LEU A 35 7.68 -20.27 -8.18
CA LEU A 35 7.00 -20.97 -9.27
C LEU A 35 5.64 -21.50 -8.81
N TRP A 36 5.57 -22.03 -7.59
CA TRP A 36 4.29 -22.42 -7.03
C TRP A 36 3.36 -21.22 -6.89
N GLY A 37 3.90 -20.12 -6.37
CA GLY A 37 3.07 -18.94 -6.16
C GLY A 37 2.52 -18.36 -7.45
N MET A 38 3.32 -18.40 -8.52
CA MET A 38 2.86 -17.87 -9.80
C MET A 38 1.68 -18.68 -10.34
N ASN A 39 1.84 -20.01 -10.37
CA ASN A 39 0.78 -20.85 -10.93
C ASN A 39 -0.47 -20.82 -10.07
N LYS A 40 -0.32 -20.62 -8.76
CA LYS A 40 -1.48 -20.50 -7.89
C LYS A 40 -2.29 -19.25 -8.24
N ILE A 41 -1.60 -18.15 -8.55
CA ILE A 41 -2.31 -16.96 -8.99
C ILE A 41 -3.04 -17.24 -10.30
N GLU A 42 -2.41 -18.01 -11.20
CA GLU A 42 -3.06 -18.39 -12.44
C GLU A 42 -4.26 -19.30 -12.23
N LEU A 43 -4.32 -20.01 -11.11
CA LEU A 43 -5.46 -20.86 -10.77
C LEU A 43 -6.52 -20.12 -9.97
N GLY A 44 -6.37 -18.81 -9.79
CA GLY A 44 -7.38 -18.00 -9.14
C GLY A 44 -7.24 -18.01 -7.64
N TRP A 45 -6.03 -17.78 -7.13
CA TRP A 45 -5.77 -17.74 -5.70
C TRP A 45 -5.13 -16.41 -5.34
N THR A 46 -5.60 -15.80 -4.25
CA THR A 46 -5.08 -14.55 -3.74
C THR A 46 -4.61 -14.75 -2.30
N PHE A 47 -4.13 -13.66 -1.71
CA PHE A 47 -3.59 -13.67 -0.35
C PHE A 47 -4.73 -13.62 0.68
N GLY A 48 -4.40 -14.01 1.91
CA GLY A 48 -5.31 -13.94 3.04
C GLY A 48 -4.70 -14.46 4.33
N LYS A 49 -5.12 -13.92 5.47
CA LYS A 49 -4.55 -14.32 6.75
C LYS A 49 -5.10 -15.64 7.27
N ILE A 50 -6.24 -16.09 6.73
CA ILE A 50 -6.87 -17.33 7.14
C ILE A 50 -7.21 -18.14 5.90
N ARG A 51 -7.21 -19.46 6.04
CA ARG A 51 -7.41 -20.35 4.90
C ARG A 51 -8.89 -20.46 4.56
N ASP A 52 -9.32 -19.70 3.56
CA ASP A 52 -10.68 -19.71 3.04
C ASP A 52 -10.58 -20.16 1.57
N ASP A 53 -10.98 -21.39 1.29
CA ASP A 53 -10.89 -21.91 -0.08
C ASP A 53 -11.93 -21.27 -0.98
N ASN A 54 -13.18 -21.19 -0.51
CA ASN A 54 -14.25 -20.60 -1.31
C ASN A 54 -14.03 -19.11 -1.56
N LYS A 55 -13.13 -18.49 -0.80
CA LYS A 55 -12.76 -17.09 -0.99
C LYS A 55 -11.43 -16.96 -1.72
N ARG A 56 -10.81 -18.08 -2.11
CA ARG A 56 -9.52 -18.07 -2.80
C ARG A 56 -8.44 -17.47 -1.90
N GLN A 57 -8.47 -17.85 -0.63
CA GLN A 57 -7.54 -17.34 0.37
C GLN A 57 -6.63 -18.46 0.85
N HIS A 58 -5.38 -18.10 1.12
CA HIS A 58 -4.32 -19.01 1.55
C HIS A 58 -3.25 -18.13 2.20
N PRO A 59 -2.87 -18.42 3.46
CA PRO A 59 -1.96 -17.53 4.14
C PRO A 59 -0.64 -17.49 3.46
N CYS A 60 -0.25 -18.61 2.86
CA CYS A 60 1.11 -18.74 2.31
C CYS A 60 1.10 -18.21 0.87
N LEU A 61 0.51 -17.04 0.64
CA LEU A 61 0.54 -16.43 -0.70
C LEU A 61 1.62 -15.36 -0.55
N VAL A 62 2.13 -15.21 0.67
CA VAL A 62 3.15 -14.18 0.90
C VAL A 62 4.49 -14.70 0.40
N GLU A 63 5.52 -13.86 0.46
CA GLU A 63 6.86 -14.26 0.03
C GLU A 63 7.42 -15.37 0.92
N PHE A 64 8.47 -16.02 0.43
CA PHE A 64 9.05 -17.16 1.12
C PHE A 64 9.51 -16.80 2.53
N SER A 65 10.00 -15.57 2.72
CA SER A 65 10.49 -15.16 4.03
C SER A 65 9.40 -15.07 5.08
N LYS A 66 8.12 -14.97 4.69
CA LYS A 66 7.03 -14.72 5.62
C LYS A 66 6.12 -15.94 5.82
N LEU A 67 6.57 -17.12 5.44
CA LEU A 67 5.72 -18.29 5.63
C LEU A 67 5.77 -18.73 7.09
N PRO A 68 4.70 -19.37 7.59
CA PRO A 68 4.77 -19.96 8.94
C PRO A 68 5.82 -21.06 8.99
N GLU A 69 6.35 -21.28 10.19
CA GLU A 69 7.52 -22.16 10.32
C GLU A 69 7.17 -23.62 10.06
N THR A 70 6.00 -24.07 10.50
CA THR A 70 5.65 -25.47 10.25
C THR A 70 5.49 -25.75 8.76
N GLU A 71 5.15 -24.71 7.98
CA GLU A 71 5.07 -24.83 6.52
C GLU A 71 6.38 -24.46 5.85
N LYS A 72 7.03 -23.38 6.30
CA LYS A 72 8.27 -22.93 5.70
C LYS A 72 9.37 -23.97 5.86
N ASN A 73 9.47 -24.59 7.05
CA ASN A 73 10.54 -25.52 7.32
C ASN A 73 10.40 -26.82 6.52
N TYR A 74 9.18 -27.18 6.13
CA TYR A 74 9.01 -28.36 5.29
C TYR A 74 9.56 -28.14 3.90
N ASN A 75 9.43 -26.92 3.37
CA ASN A 75 10.00 -26.61 2.06
C ASN A 75 11.52 -26.70 2.09
N LEU A 76 12.15 -26.19 3.15
CA LEU A 76 13.61 -26.28 3.24
C LEU A 76 14.07 -27.71 3.46
N GLN A 77 13.21 -28.57 4.05
CA GLN A 77 13.54 -29.98 4.18
C GLN A 77 13.38 -30.71 2.85
N MET A 78 12.37 -30.35 2.07
CA MET A 78 12.17 -30.95 0.76
C MET A 78 13.25 -30.53 -0.22
N SER A 79 13.77 -29.31 -0.08
CA SER A 79 14.91 -28.89 -0.90
C SER A 79 16.16 -29.68 -0.54
N THR A 80 16.44 -29.80 0.76
CA THR A 80 17.60 -30.56 1.21
C THR A 80 17.55 -32.01 0.69
N GLU A 81 16.39 -32.65 0.82
CA GLU A 81 16.27 -34.06 0.42
C GLU A 81 16.43 -34.23 -1.09
N THR A 82 16.02 -33.23 -1.87
CA THR A 82 16.21 -33.31 -3.31
C THR A 82 17.69 -33.17 -3.67
N LEU A 83 18.41 -32.32 -2.93
CA LEU A 83 19.86 -32.23 -3.13
C LEU A 83 20.53 -33.53 -2.73
N LYS A 84 20.14 -34.12 -1.61
CA LYS A 84 20.72 -35.39 -1.19
C LYS A 84 20.39 -36.51 -2.16
N THR A 85 19.20 -36.47 -2.77
CA THR A 85 18.83 -37.49 -3.74
C THR A 85 19.79 -37.48 -4.93
N LEU A 86 20.21 -36.29 -5.36
CA LEU A 86 21.18 -36.21 -6.45
C LEU A 86 22.49 -36.89 -6.07
N LEU A 87 23.01 -36.58 -4.88
CA LEU A 87 24.22 -37.23 -4.41
C LEU A 87 24.03 -38.73 -4.23
N ALA A 88 22.83 -39.15 -3.80
CA ALA A 88 22.56 -40.56 -3.64
C ALA A 88 22.47 -41.27 -4.97
N LEU A 89 22.08 -40.57 -6.03
CA LEU A 89 22.01 -41.13 -7.37
C LEU A 89 23.35 -41.05 -8.10
N GLY A 90 24.41 -40.67 -7.39
CA GLY A 90 25.76 -40.65 -7.91
C GLY A 90 26.17 -39.39 -8.63
N CYS A 91 25.41 -38.30 -8.50
CA CYS A 91 25.75 -37.04 -9.16
C CYS A 91 26.65 -36.21 -8.27
N HIS A 92 27.66 -35.59 -8.89
CA HIS A 92 28.54 -34.64 -8.22
C HIS A 92 28.05 -33.23 -8.51
N ILE A 93 27.76 -32.45 -7.47
CA ILE A 93 27.27 -31.09 -7.60
C ILE A 93 28.45 -30.15 -7.41
N ALA A 94 28.89 -29.56 -8.51
CA ALA A 94 30.02 -28.64 -8.54
C ALA A 94 29.54 -27.25 -8.95
N HIS A 95 30.47 -26.30 -8.97
CA HIS A 95 30.15 -24.90 -9.28
C HIS A 95 31.00 -24.49 -10.47
N VAL A 96 30.35 -23.95 -11.49
CA VAL A 96 30.98 -23.67 -12.78
C VAL A 96 31.42 -22.21 -12.87
N ASN A 97 30.52 -21.27 -12.61
CA ASN A 97 30.92 -19.88 -12.63
C ASN A 97 30.08 -19.16 -11.59
N PRO A 98 30.71 -18.41 -10.67
CA PRO A 98 29.91 -17.70 -9.67
C PRO A 98 29.18 -16.51 -10.25
N ALA A 99 29.69 -15.91 -11.32
CA ALA A 99 29.02 -14.78 -11.94
C ALA A 99 27.70 -15.17 -12.59
N ALA A 100 27.48 -16.47 -12.79
CA ALA A 100 26.19 -16.92 -13.30
C ALA A 100 25.07 -16.59 -12.33
N GLU A 101 25.38 -16.54 -11.03
CA GLU A 101 24.39 -16.14 -10.03
C GLU A 101 24.14 -14.63 -10.05
N GLU A 102 25.01 -13.86 -10.68
CA GLU A 102 24.77 -12.43 -10.85
C GLU A 102 24.18 -12.08 -12.22
N ASP A 103 24.50 -12.86 -13.26
CA ASP A 103 23.79 -12.78 -14.53
C ASP A 103 22.50 -13.61 -14.48
N LEU A 104 21.70 -13.30 -13.45
CA LEU A 104 20.41 -13.94 -13.24
C LEU A 104 19.32 -12.89 -13.32
N LYS A 105 18.38 -13.07 -14.22
CA LYS A 105 17.25 -12.16 -14.30
C LYS A 105 15.98 -12.93 -13.96
N LYS A 106 14.98 -12.18 -13.50
CA LYS A 106 13.69 -12.73 -13.13
C LYS A 106 12.63 -12.31 -14.15
N VAL A 107 11.49 -12.97 -14.08
CA VAL A 107 10.49 -12.89 -15.13
C VAL A 107 9.57 -11.71 -14.85
N LYS A 108 9.10 -11.09 -15.94
CA LYS A 108 8.27 -9.89 -15.87
C LYS A 108 6.82 -10.30 -15.67
N LEU A 109 6.49 -10.60 -14.42
CA LEU A 109 5.11 -10.92 -14.07
C LEU A 109 4.24 -9.69 -14.27
N PRO A 110 3.19 -9.76 -15.09
CA PRO A 110 2.32 -8.59 -15.29
C PRO A 110 1.76 -8.06 -13.99
N LYS A 111 1.20 -6.84 -14.09
CA LYS A 111 0.65 -6.17 -12.91
C LYS A 111 -0.34 -7.06 -12.18
N ASN A 112 -1.08 -7.89 -12.92
CA ASN A 112 -2.04 -8.79 -12.29
C ASN A 112 -1.34 -9.75 -11.34
N TYR A 113 -0.06 -10.01 -11.55
CA TYR A 113 0.68 -10.91 -10.67
C TYR A 113 1.16 -10.20 -9.40
N MET A 114 0.53 -9.08 -9.05
CA MET A 114 0.75 -8.37 -7.79
C MET A 114 -0.46 -8.60 -6.88
N MET A 115 -0.22 -9.14 -5.70
CA MET A 115 -1.30 -9.43 -4.78
C MET A 115 -1.49 -8.31 -3.75
N SER A 116 -2.60 -8.39 -3.03
CA SER A 116 -2.93 -7.48 -1.93
C SER A 116 -1.88 -7.04 -0.92
N ASN A 117 -1.04 -7.97 -0.47
CA ASN A 117 -0.10 -7.69 0.62
C ASN A 117 1.25 -7.65 -0.07
N GLY A 118 1.35 -6.91 -1.18
CA GLY A 118 2.59 -6.72 -1.89
C GLY A 118 3.31 -7.93 -2.42
N TYR A 119 2.77 -9.13 -2.23
CA TYR A 119 3.43 -10.34 -2.69
C TYR A 119 3.23 -10.51 -4.19
N LYS A 120 4.33 -10.49 -4.95
CA LYS A 120 4.29 -10.73 -6.39
C LYS A 120 5.44 -11.65 -6.73
N PRO A 121 5.17 -12.93 -7.00
CA PRO A 121 6.26 -13.86 -7.30
C PRO A 121 7.06 -13.39 -8.51
N ALA A 122 8.35 -13.73 -8.49
CA ALA A 122 9.27 -13.36 -9.57
C ALA A 122 10.32 -14.46 -9.69
N PRO A 123 9.93 -15.63 -10.19
CA PRO A 123 10.90 -16.72 -10.34
C PRO A 123 11.99 -16.32 -11.32
N LEU A 124 13.10 -17.06 -11.28
CA LEU A 124 14.18 -16.78 -12.20
C LEU A 124 13.73 -17.05 -13.62
N ASP A 125 14.04 -16.11 -14.52
CA ASP A 125 13.69 -16.25 -15.93
C ASP A 125 14.71 -17.18 -16.57
N LEU A 126 14.41 -18.48 -16.52
CA LEU A 126 15.30 -19.51 -17.03
C LEU A 126 14.74 -20.14 -18.30
N SER A 127 14.05 -19.35 -19.13
CA SER A 127 13.54 -19.85 -20.39
C SER A 127 14.66 -20.11 -21.40
N ASP A 128 15.84 -19.56 -21.16
CA ASP A 128 17.00 -19.73 -22.03
C ASP A 128 17.82 -20.98 -21.69
N VAL A 129 17.31 -21.84 -20.81
CA VAL A 129 18.07 -22.93 -20.23
C VAL A 129 17.58 -24.24 -20.83
N LYS A 130 18.40 -24.86 -21.67
CA LYS A 130 18.10 -26.14 -22.28
C LYS A 130 18.71 -27.28 -21.48
N LEU A 131 18.08 -28.45 -21.57
CA LEU A 131 18.48 -29.63 -20.83
C LEU A 131 18.84 -30.75 -21.80
N LEU A 132 19.88 -31.50 -21.47
CA LEU A 132 20.25 -32.64 -22.29
C LEU A 132 19.32 -33.81 -22.03
N PRO A 133 19.25 -34.76 -22.95
CA PRO A 133 18.34 -35.90 -22.79
C PRO A 133 18.60 -36.61 -21.47
N PRO A 134 19.87 -36.87 -21.14
CA PRO A 134 20.16 -37.45 -19.82
C PRO A 134 19.58 -36.64 -18.68
N GLN A 135 19.45 -35.33 -18.85
CA GLN A 135 18.90 -34.48 -17.80
C GLN A 135 17.38 -34.50 -17.79
N GLU A 136 16.73 -34.85 -18.91
CA GLU A 136 15.28 -34.95 -18.92
C GLU A 136 14.79 -36.28 -18.37
N ILE A 137 15.61 -37.34 -18.46
CA ILE A 137 15.27 -38.60 -17.82
C ILE A 137 15.56 -38.54 -16.32
N LEU A 138 16.56 -37.75 -15.91
CA LEU A 138 16.83 -37.57 -14.49
C LEU A 138 15.77 -36.72 -13.81
N VAL A 139 15.34 -35.64 -14.47
CA VAL A 139 14.29 -34.81 -13.90
C VAL A 139 12.99 -35.60 -13.78
N ASP A 140 12.70 -36.46 -14.75
CA ASP A 140 11.51 -37.28 -14.68
C ASP A 140 11.60 -38.27 -13.52
N LYS A 141 12.78 -38.83 -13.29
CA LYS A 141 12.98 -39.69 -12.13
C LYS A 141 12.91 -38.89 -10.84
N LEU A 142 13.47 -37.68 -10.85
CA LEU A 142 13.47 -36.86 -9.64
C LEU A 142 12.06 -36.50 -9.22
N ALA A 143 11.19 -36.20 -10.18
CA ALA A 143 9.81 -35.86 -9.85
C ALA A 143 9.05 -37.06 -9.32
N GLU A 144 9.38 -38.26 -9.82
CA GLU A 144 8.74 -39.47 -9.29
C GLU A 144 9.16 -39.73 -7.86
N ASN A 145 10.46 -39.55 -7.54
CA ASN A 145 10.91 -39.73 -6.17
C ASN A 145 10.33 -38.67 -5.25
N ALA A 146 10.22 -37.43 -5.75
CA ALA A 146 9.62 -36.37 -4.94
C ALA A 146 8.19 -36.73 -4.54
N HIS A 147 7.50 -37.51 -5.37
CA HIS A 147 6.17 -37.98 -5.02
C HIS A 147 6.21 -39.00 -3.88
N ASN A 148 7.22 -39.87 -3.88
CA ASN A 148 7.29 -40.92 -2.87
C ASN A 148 7.62 -40.35 -1.49
N VAL A 149 8.51 -39.36 -1.41
CA VAL A 149 8.82 -38.75 -0.13
C VAL A 149 7.61 -37.98 0.39
N TRP A 150 6.92 -37.25 -0.49
CA TRP A 150 5.71 -36.55 -0.08
C TRP A 150 4.64 -37.54 0.36
N ALA A 151 4.50 -38.67 -0.34
CA ALA A 151 3.48 -39.64 0.02
C ALA A 151 3.78 -40.30 1.36
N LYS A 152 5.03 -40.71 1.59
CA LYS A 152 5.38 -41.36 2.84
C LYS A 152 5.29 -40.39 4.02
N ASP A 153 5.74 -39.15 3.85
CA ASP A 153 5.70 -38.20 4.96
C ASP A 153 4.28 -37.90 5.39
N ARG A 154 3.32 -37.97 4.45
CA ARG A 154 1.92 -37.78 4.85
C ARG A 154 1.38 -39.05 5.51
N ILE A 155 1.82 -40.22 5.05
CA ILE A 155 1.44 -41.47 5.71
C ILE A 155 2.05 -41.52 7.10
N LYS A 156 3.25 -40.98 7.26
CA LYS A 156 3.86 -40.93 8.58
C LYS A 156 3.21 -39.86 9.46
N GLN A 157 2.54 -38.89 8.87
CA GLN A 157 1.72 -37.97 9.63
C GLN A 157 0.31 -38.50 9.88
N GLY A 158 -0.02 -39.66 9.33
CA GLY A 158 -1.30 -40.30 9.57
C GLY A 158 -2.24 -40.29 8.38
N TRP A 159 -1.82 -39.72 7.25
CA TRP A 159 -2.70 -39.56 6.10
C TRP A 159 -2.96 -40.87 5.39
N THR A 160 -4.20 -41.03 4.90
CA THR A 160 -4.62 -42.18 4.12
C THR A 160 -5.29 -41.71 2.84
N TYR A 161 -5.50 -42.65 1.91
CA TYR A 161 -6.19 -42.36 0.66
C TYR A 161 -7.69 -42.16 0.88
N GLY A 162 -8.30 -41.39 -0.01
CA GLY A 162 -9.74 -41.24 -0.01
C GLY A 162 -10.24 -40.82 -1.37
N ILE A 163 -11.54 -41.04 -1.60
CA ILE A 163 -12.13 -40.76 -2.91
C ILE A 163 -12.26 -39.26 -3.12
N GLN A 164 -12.41 -38.51 -2.04
CA GLN A 164 -12.46 -37.06 -2.06
C GLN A 164 -11.49 -36.56 -1.00
N GLN A 165 -11.21 -35.27 -1.01
CA GLN A 165 -10.17 -34.74 -0.13
C GLN A 165 -10.80 -34.20 1.14
N ASP A 166 -10.08 -34.39 2.25
CA ASP A 166 -10.52 -33.91 3.55
C ASP A 166 -9.30 -33.35 4.25
N LEU A 167 -9.37 -32.09 4.68
CA LEU A 167 -8.26 -31.40 5.32
C LEU A 167 -8.23 -31.58 6.83
N LYS A 168 -9.14 -32.38 7.39
CA LYS A 168 -9.24 -32.60 8.83
C LYS A 168 -8.99 -34.03 9.24
N ASN A 169 -9.63 -35.00 8.56
CA ASN A 169 -9.42 -36.40 8.85
C ASN A 169 -8.24 -36.98 8.09
N LYS A 170 -7.36 -36.12 7.58
CA LYS A 170 -6.23 -36.53 6.74
C LYS A 170 -6.37 -37.52 5.60
N ARG A 171 -7.40 -37.35 4.78
CA ARG A 171 -7.57 -38.12 3.56
C ARG A 171 -7.36 -37.37 2.25
N ASN A 172 -6.72 -38.03 1.29
CA ASN A 172 -6.34 -37.35 0.07
C ASN A 172 -6.30 -38.33 -1.08
N PRO A 173 -6.87 -38.00 -2.24
CA PRO A 173 -6.92 -38.97 -3.35
C PRO A 173 -5.61 -39.09 -4.11
N ARG A 174 -4.67 -38.18 -3.93
CA ARG A 174 -3.43 -38.18 -4.70
C ARG A 174 -2.34 -39.05 -4.09
N LEU A 175 -2.61 -39.72 -2.97
CA LEU A 175 -1.66 -40.65 -2.36
C LEU A 175 -1.76 -42.01 -3.05
N VAL A 176 -1.33 -42.03 -4.31
CA VAL A 176 -1.34 -43.25 -5.12
C VAL A 176 0.03 -43.45 -5.75
N PRO A 177 0.32 -44.62 -6.32
CA PRO A 177 1.58 -44.80 -7.03
C PRO A 177 1.72 -43.77 -8.15
N TYR A 178 2.97 -43.48 -8.51
CA TYR A 178 3.20 -42.44 -9.52
C TYR A 178 2.62 -42.84 -10.86
N ALA A 179 2.61 -44.15 -11.17
CA ALA A 179 1.97 -44.64 -12.38
C ALA A 179 0.46 -44.66 -12.27
N LEU A 180 -0.07 -44.59 -11.04
CA LEU A 180 -1.51 -44.52 -10.82
C LEU A 180 -2.04 -43.10 -10.81
N LEU A 181 -1.17 -42.12 -10.67
CA LEU A 181 -1.59 -40.73 -10.56
C LEU A 181 -2.10 -40.22 -11.90
N ASP A 182 -2.93 -39.19 -11.86
CA ASP A 182 -3.40 -38.58 -13.09
C ASP A 182 -2.25 -37.85 -13.77
N GLU A 183 -2.30 -37.82 -15.12
CA GLU A 183 -1.18 -37.27 -15.87
C GLU A 183 -1.05 -35.76 -15.67
N ARG A 184 -2.15 -35.08 -15.34
CA ARG A 184 -2.07 -33.64 -15.09
C ARG A 184 -1.16 -33.33 -13.92
N THR A 185 -1.25 -34.13 -12.85
CA THR A 185 -0.43 -33.88 -11.67
C THR A 185 1.02 -34.30 -11.91
N LYS A 186 1.23 -35.41 -12.62
CA LYS A 186 2.60 -35.81 -12.96
C LYS A 186 3.32 -34.68 -13.70
N LYS A 187 2.67 -34.13 -14.72
CA LYS A 187 3.30 -33.10 -15.52
C LYS A 187 3.61 -31.86 -14.68
N SER A 188 2.67 -31.46 -13.82
CA SER A 188 2.92 -30.32 -12.95
C SER A 188 4.15 -30.54 -12.07
N ASN A 189 4.32 -31.77 -11.58
CA ASN A 189 5.47 -32.07 -10.73
C ASN A 189 6.75 -32.15 -11.56
N ARG A 190 6.70 -32.79 -12.72
CA ARG A 190 7.90 -32.92 -13.55
C ARG A 190 8.42 -31.56 -14.01
N ASP A 191 7.51 -30.62 -14.29
CA ASP A 191 7.94 -29.27 -14.63
C ASP A 191 8.64 -28.59 -13.46
N SER A 192 8.11 -28.76 -12.25
CA SER A 192 8.69 -28.08 -11.09
C SER A 192 10.11 -28.54 -10.81
N LEU A 193 10.37 -29.85 -10.92
CA LEU A 193 11.72 -30.35 -10.75
C LEU A 193 12.59 -30.12 -11.97
N ARG A 194 11.98 -29.85 -13.13
CA ARG A 194 12.74 -29.39 -14.29
C ARG A 194 13.37 -28.05 -13.99
N GLU A 195 12.58 -27.11 -13.45
CA GLU A 195 13.09 -25.81 -13.03
C GLU A 195 14.05 -25.94 -11.85
N ALA A 196 13.90 -26.99 -11.05
CA ALA A 196 14.86 -27.23 -9.98
C ALA A 196 16.26 -27.44 -10.53
N VAL A 197 16.42 -28.39 -11.45
CA VAL A 197 17.72 -28.63 -12.06
C VAL A 197 18.18 -27.41 -12.86
N ARG A 198 17.23 -26.68 -13.46
CA ARG A 198 17.59 -25.45 -14.17
C ARG A 198 18.15 -24.42 -13.21
N THR A 199 17.60 -24.35 -11.99
CA THR A 199 18.12 -23.40 -11.01
C THR A 199 19.56 -23.72 -10.65
N PHE A 200 19.90 -25.01 -10.54
CA PHE A 200 21.28 -25.38 -10.27
C PHE A 200 22.22 -24.91 -11.37
N VAL A 201 21.91 -25.29 -12.62
CA VAL A 201 22.75 -24.83 -13.73
C VAL A 201 22.60 -23.32 -13.92
N GLY A 202 21.42 -22.78 -13.60
CA GLY A 202 21.21 -21.35 -13.77
C GLY A 202 22.04 -20.54 -12.78
N TYR A 203 22.22 -21.05 -11.57
CA TYR A 203 23.09 -20.43 -10.57
C TYR A 203 24.55 -20.76 -10.79
N GLY A 204 24.88 -21.54 -11.82
CA GLY A 204 26.26 -21.83 -12.16
C GLY A 204 26.82 -23.14 -11.68
N TYR A 205 25.97 -24.07 -11.25
CA TYR A 205 26.43 -25.37 -10.77
C TYR A 205 26.27 -26.43 -11.86
N ASN A 206 27.04 -27.51 -11.73
CA ASN A 206 27.08 -28.59 -12.71
C ASN A 206 26.62 -29.88 -12.04
N ILE A 207 25.99 -30.75 -12.83
CA ILE A 207 25.43 -31.98 -12.31
C ILE A 207 25.69 -33.15 -13.26
N GLU A 208 26.66 -34.00 -12.92
CA GLU A 208 27.07 -35.11 -13.76
C GLU A 208 27.38 -36.30 -12.86
N PRO A 209 26.80 -37.47 -13.14
CA PRO A 209 27.01 -38.67 -12.32
C PRO A 209 28.48 -39.05 -12.19
N PHE B 5 -14.43 23.63 26.09
CA PHE B 5 -15.47 23.75 25.06
C PHE B 5 -16.82 23.29 25.59
N ILE B 6 -17.89 23.98 25.19
CA ILE B 6 -19.23 23.73 25.71
C ILE B 6 -20.19 23.52 24.55
N PRO B 7 -20.35 22.30 24.04
CA PRO B 7 -21.36 22.05 23.01
C PRO B 7 -22.72 21.72 23.60
N CYS B 8 -23.77 22.38 23.10
CA CYS B 8 -25.12 22.03 23.55
C CYS B 8 -26.07 22.01 22.35
N PRO B 9 -26.55 20.84 21.94
CA PRO B 9 -27.39 20.75 20.75
C PRO B 9 -28.88 20.99 21.03
N VAL B 10 -29.70 20.88 19.98
CA VAL B 10 -31.15 21.01 20.14
C VAL B 10 -31.64 20.00 21.18
N ASP B 11 -32.61 20.42 21.98
CA ASP B 11 -33.14 19.60 23.08
C ASP B 11 -34.22 18.66 22.55
N THR B 12 -33.88 17.38 22.42
CA THR B 12 -34.81 16.34 21.99
C THR B 12 -35.43 15.60 23.17
N SER B 13 -35.26 16.11 24.40
CA SER B 13 -35.69 15.38 25.58
C SER B 13 -37.17 15.06 25.55
N GLN B 14 -38.01 16.03 25.17
CA GLN B 14 -39.45 15.86 25.30
C GLN B 14 -40.10 15.33 24.02
N VAL B 15 -39.31 15.01 23.01
CA VAL B 15 -39.79 14.51 21.74
C VAL B 15 -39.83 12.99 21.79
N ILE B 16 -40.83 12.40 21.13
CA ILE B 16 -40.94 10.95 21.06
C ILE B 16 -41.13 10.56 19.60
N LEU B 17 -40.29 9.66 19.10
CA LEU B 17 -40.43 9.19 17.74
C LEU B 17 -41.60 8.22 17.64
N PRO B 18 -42.49 8.38 16.66
CA PRO B 18 -43.58 7.42 16.52
C PRO B 18 -43.06 6.11 15.99
N PRO B 19 -43.69 4.99 16.34
CA PRO B 19 -43.16 3.67 15.93
C PRO B 19 -43.14 3.44 14.43
N HIS B 20 -43.99 4.11 13.65
CA HIS B 20 -43.99 3.91 12.21
C HIS B 20 -42.74 4.49 11.53
N LEU B 21 -41.95 5.29 12.27
CA LEU B 21 -40.71 5.83 11.75
C LEU B 21 -39.50 5.01 12.18
N GLU B 22 -39.69 3.97 12.98
CA GLU B 22 -38.57 3.13 13.40
C GLU B 22 -37.94 2.38 12.24
N LYS B 23 -38.60 2.32 11.10
CA LYS B 23 -38.03 1.65 9.94
C LYS B 23 -37.18 2.60 9.09
N ILE B 24 -37.65 3.83 8.90
CA ILE B 24 -36.82 4.83 8.24
C ILE B 24 -35.67 5.22 9.15
N ARG B 25 -35.83 5.05 10.47
CA ARG B 25 -34.71 5.25 11.39
C ARG B 25 -33.64 4.18 11.18
N ASP B 26 -34.04 2.96 10.81
CA ASP B 26 -33.06 1.91 10.55
C ASP B 26 -32.49 2.04 9.14
N ARG B 27 -33.32 2.37 8.16
CA ARG B 27 -32.84 2.55 6.80
C ARG B 27 -31.86 3.72 6.73
N LEU B 28 -32.12 4.77 7.50
CA LEU B 28 -31.23 5.93 7.51
C LEU B 28 -29.85 5.59 8.06
N ALA B 29 -29.80 4.71 9.06
CA ALA B 29 -28.52 4.30 9.62
C ALA B 29 -27.76 3.38 8.67
N GLU B 30 -28.48 2.53 7.92
CA GLU B 30 -27.82 1.62 7.00
C GLU B 30 -27.14 2.39 5.87
N ASN B 31 -27.84 3.33 5.25
CA ASN B 31 -27.28 4.04 4.10
C ASN B 31 -26.13 4.94 4.53
N ILE B 32 -26.29 5.67 5.63
CA ILE B 32 -25.24 6.54 6.11
C ILE B 32 -24.00 5.74 6.47
N HIS B 33 -24.19 4.51 6.94
CA HIS B 33 -23.05 3.63 7.20
C HIS B 33 -22.37 3.24 5.89
N GLU B 34 -23.16 3.00 4.84
CA GLU B 34 -22.59 2.68 3.54
C GLU B 34 -21.91 3.89 2.92
N LEU B 35 -22.44 5.09 3.15
CA LEU B 35 -21.79 6.30 2.67
C LEU B 35 -20.44 6.53 3.33
N TRP B 36 -20.35 6.26 4.63
CA TRP B 36 -19.05 6.32 5.31
C TRP B 36 -18.08 5.31 4.72
N GLY B 37 -18.56 4.08 4.48
CA GLY B 37 -17.68 3.05 3.97
C GLY B 37 -17.09 3.40 2.63
N MET B 38 -17.87 4.07 1.77
CA MET B 38 -17.36 4.47 0.47
C MET B 38 -16.25 5.51 0.61
N ASN B 39 -16.50 6.58 1.37
CA ASN B 39 -15.53 7.66 1.47
C ASN B 39 -14.26 7.22 2.20
N LYS B 40 -14.39 6.30 3.17
CA LYS B 40 -13.21 5.79 3.83
C LYS B 40 -12.36 4.96 2.87
N ILE B 41 -13.00 4.19 2.00
CA ILE B 41 -12.26 3.45 0.98
C ILE B 41 -11.57 4.41 0.01
N GLU B 42 -12.25 5.51 -0.33
CA GLU B 42 -11.62 6.49 -1.21
C GLU B 42 -10.42 7.16 -0.56
N LEU B 43 -10.38 7.19 0.77
CA LEU B 43 -9.23 7.72 1.50
C LEU B 43 -8.22 6.64 1.87
N GLY B 44 -8.39 5.42 1.35
CA GLY B 44 -7.41 4.36 1.54
C GLY B 44 -7.56 3.49 2.76
N TRP B 45 -8.75 2.95 3.00
CA TRP B 45 -8.99 2.05 4.13
C TRP B 45 -9.56 0.73 3.62
N THR B 46 -9.03 -0.36 4.15
CA THR B 46 -9.47 -1.72 3.85
C THR B 46 -9.91 -2.40 5.13
N PHE B 47 -10.33 -3.66 5.02
CA PHE B 47 -10.80 -4.36 6.20
C PHE B 47 -9.62 -4.91 7.01
N GLY B 48 -9.91 -5.18 8.29
CA GLY B 48 -8.96 -5.74 9.22
C GLY B 48 -9.63 -5.87 10.57
N LYS B 49 -9.19 -6.80 11.40
CA LYS B 49 -9.85 -7.01 12.68
C LYS B 49 -9.53 -5.91 13.69
N ILE B 50 -8.52 -5.08 13.44
CA ILE B 50 -8.15 -4.01 14.36
C ILE B 50 -8.00 -2.71 13.58
N ARG B 51 -8.29 -1.60 14.26
CA ARG B 51 -8.21 -0.27 13.65
C ARG B 51 -6.74 0.12 13.65
N ASP B 52 -6.07 -0.03 12.51
CA ASP B 52 -4.64 0.23 12.37
C ASP B 52 -4.40 1.36 11.38
N ASP B 53 -3.92 2.49 11.89
CA ASP B 53 -3.62 3.62 11.01
C ASP B 53 -2.44 3.28 10.09
N ASN B 54 -1.38 2.70 10.65
CA ASN B 54 -0.20 2.39 9.86
C ASN B 54 -0.46 1.28 8.84
N LYS B 55 -1.50 0.47 9.02
CA LYS B 55 -1.85 -0.56 8.05
C LYS B 55 -3.08 -0.23 7.21
N ARG B 56 -3.77 0.89 7.50
CA ARG B 56 -4.96 1.26 6.75
C ARG B 56 -6.04 0.18 6.86
N GLN B 57 -6.15 -0.40 8.05
CA GLN B 57 -7.07 -1.50 8.33
C GLN B 57 -8.10 -1.05 9.35
N HIS B 58 -9.31 -1.61 9.25
CA HIS B 58 -10.38 -1.19 10.15
C HIS B 58 -11.45 -2.28 10.26
N PRO B 59 -11.84 -2.65 11.48
CA PRO B 59 -12.82 -3.73 11.64
C PRO B 59 -14.23 -3.33 11.28
N CYS B 60 -14.59 -2.05 11.46
CA CYS B 60 -15.94 -1.63 11.12
C CYS B 60 -15.85 -1.38 9.62
N LEU B 61 -15.49 -2.42 8.86
CA LEU B 61 -15.46 -2.36 7.41
C LEU B 61 -16.29 -3.62 7.12
N VAL B 62 -17.57 -3.53 7.46
CA VAL B 62 -18.53 -4.62 7.25
C VAL B 62 -19.90 -4.00 7.00
N GLU B 63 -20.86 -4.85 6.63
CA GLU B 63 -22.21 -4.35 6.44
C GLU B 63 -22.82 -3.98 7.79
N PHE B 64 -23.87 -3.16 7.74
CA PHE B 64 -24.48 -2.69 8.98
C PHE B 64 -25.02 -3.84 9.81
N SER B 65 -25.54 -4.89 9.15
CA SER B 65 -26.09 -6.03 9.87
C SER B 65 -25.03 -6.78 10.68
N LYS B 66 -23.76 -6.64 10.30
CA LYS B 66 -22.67 -7.38 10.93
C LYS B 66 -21.75 -6.46 11.74
N LEU B 67 -22.21 -5.26 12.06
CA LEU B 67 -21.42 -4.29 12.80
C LEU B 67 -21.41 -4.65 14.29
N PRO B 68 -20.34 -4.28 15.00
CA PRO B 68 -20.34 -4.46 16.46
C PRO B 68 -21.42 -3.64 17.13
N GLU B 69 -21.87 -4.10 18.30
CA GLU B 69 -22.98 -3.45 18.98
C GLU B 69 -22.60 -2.07 19.49
N THR B 70 -21.35 -1.91 19.94
CA THR B 70 -20.91 -0.60 20.42
C THR B 70 -20.91 0.43 19.30
N GLU B 71 -20.74 -0.01 18.05
CA GLU B 71 -20.82 0.86 16.89
C GLU B 71 -22.23 0.90 16.31
N LYS B 72 -22.90 -0.25 16.25
CA LYS B 72 -24.24 -0.31 15.68
C LYS B 72 -25.20 0.56 16.47
N ASN B 73 -25.14 0.50 17.80
CA ASN B 73 -26.08 1.26 18.62
C ASN B 73 -25.79 2.76 18.60
N TYR B 74 -24.53 3.15 18.38
CA TYR B 74 -24.24 4.57 18.26
C TYR B 74 -24.80 5.13 16.96
N ASN B 75 -24.75 4.33 15.89
CA ASN B 75 -25.36 4.74 14.63
C ASN B 75 -26.86 4.88 14.76
N LEU B 76 -27.50 3.95 15.47
CA LEU B 76 -28.93 4.03 15.67
C LEU B 76 -29.33 5.17 16.61
N GLN B 77 -28.44 5.56 17.51
CA GLN B 77 -28.73 6.72 18.36
C GLN B 77 -28.57 8.02 17.60
N MET B 78 -27.56 8.11 16.73
CA MET B 78 -27.41 9.31 15.90
C MET B 78 -28.51 9.40 14.86
N SER B 79 -28.99 8.25 14.37
CA SER B 79 -30.15 8.27 13.48
C SER B 79 -31.40 8.71 14.22
N THR B 80 -31.62 8.14 15.41
CA THR B 80 -32.76 8.55 16.23
C THR B 80 -32.73 10.04 16.52
N GLU B 81 -31.57 10.56 16.93
CA GLU B 81 -31.47 11.97 17.27
C GLU B 81 -31.66 12.85 16.05
N THR B 82 -31.34 12.36 14.86
CA THR B 82 -31.55 13.14 13.65
C THR B 82 -33.03 13.32 13.36
N LEU B 83 -33.83 12.28 13.59
CA LEU B 83 -35.28 12.42 13.46
C LEU B 83 -35.85 13.33 14.54
N LYS B 84 -35.40 13.17 15.79
CA LYS B 84 -35.91 14.01 16.87
C LYS B 84 -35.52 15.46 16.68
N THR B 85 -34.33 15.74 16.13
CA THR B 85 -33.94 17.13 15.89
C THR B 85 -34.90 17.82 14.93
N LEU B 86 -35.35 17.09 13.89
CA LEU B 86 -36.33 17.65 12.96
C LEU B 86 -37.64 17.97 13.67
N LEU B 87 -38.15 17.03 14.47
CA LEU B 87 -39.37 17.29 15.21
C LEU B 87 -39.21 18.43 16.19
N ALA B 88 -38.02 18.57 16.80
CA ALA B 88 -37.78 19.69 17.71
C ALA B 88 -37.70 21.01 16.95
N LEU B 89 -37.28 20.99 15.69
CA LEU B 89 -37.24 22.17 14.86
C LEU B 89 -38.58 22.44 14.18
N GLY B 90 -39.60 21.68 14.55
CA GLY B 90 -40.95 21.86 14.07
C GLY B 90 -41.30 21.16 12.78
N CYS B 91 -40.45 20.27 12.28
CA CYS B 91 -40.75 19.55 11.05
C CYS B 91 -41.51 18.27 11.39
N HIS B 92 -42.58 18.02 10.65
CA HIS B 92 -43.32 16.76 10.74
C HIS B 92 -42.90 15.84 9.61
N ILE B 93 -42.51 14.61 9.95
CA ILE B 93 -42.07 13.64 8.97
C ILE B 93 -43.28 12.76 8.63
N ALA B 94 -43.80 12.92 7.42
CA ALA B 94 -44.96 12.20 6.93
C ALA B 94 -44.53 11.29 5.79
N HIS B 95 -45.46 10.47 5.31
CA HIS B 95 -45.17 9.46 4.31
C HIS B 95 -46.10 9.61 3.11
N VAL B 96 -45.54 9.59 1.91
CA VAL B 96 -46.31 9.93 0.71
C VAL B 96 -46.83 8.70 -0.03
N ASN B 97 -45.93 7.85 -0.53
CA ASN B 97 -46.36 6.68 -1.28
C ASN B 97 -45.32 5.58 -1.21
N PRO B 98 -45.73 4.31 -1.34
CA PRO B 98 -44.75 3.22 -1.33
C PRO B 98 -43.92 3.14 -2.61
N ALA B 99 -44.44 3.63 -3.74
CA ALA B 99 -43.69 3.51 -4.98
C ALA B 99 -42.38 4.29 -4.95
N ALA B 100 -42.24 5.25 -4.04
CA ALA B 100 -40.94 5.88 -3.85
C ALA B 100 -39.95 4.89 -3.26
N GLU B 101 -40.42 3.97 -2.43
CA GLU B 101 -39.60 2.91 -1.85
C GLU B 101 -39.30 1.78 -2.83
N GLU B 102 -40.00 1.70 -3.94
CA GLU B 102 -39.71 0.72 -4.98
C GLU B 102 -38.86 1.28 -6.10
N ASP B 103 -38.96 2.57 -6.36
CA ASP B 103 -38.03 3.28 -7.24
C ASP B 103 -36.80 3.64 -6.41
N LEU B 104 -36.15 2.65 -5.79
CA LEU B 104 -34.99 2.90 -4.94
C LEU B 104 -34.07 1.70 -5.09
N LYS B 105 -32.90 1.93 -5.70
CA LYS B 105 -31.84 0.94 -5.83
C LYS B 105 -30.56 1.49 -5.21
N LYS B 106 -29.61 0.59 -4.96
CA LYS B 106 -28.30 0.98 -4.47
C LYS B 106 -27.27 0.84 -5.58
N VAL B 107 -26.14 1.52 -5.42
CA VAL B 107 -25.16 1.63 -6.49
C VAL B 107 -24.12 0.52 -6.32
N LYS B 108 -23.49 0.16 -7.44
CA LYS B 108 -22.70 -1.07 -7.53
C LYS B 108 -21.46 -1.00 -6.63
N LEU B 109 -20.74 -2.12 -6.59
CA LEU B 109 -19.42 -2.22 -5.96
C LEU B 109 -18.39 -2.33 -7.07
N PRO B 110 -17.80 -1.24 -7.52
CA PRO B 110 -16.79 -1.30 -8.59
C PRO B 110 -15.67 -2.26 -8.22
N LYS B 111 -14.87 -2.60 -9.24
CA LYS B 111 -13.83 -3.63 -9.07
C LYS B 111 -12.90 -3.31 -7.90
N ASN B 112 -12.33 -2.11 -7.87
CA ASN B 112 -11.47 -1.68 -6.79
C ASN B 112 -12.34 -1.21 -5.61
N TYR B 113 -13.37 -1.95 -5.22
CA TYR B 113 -14.30 -1.51 -4.19
C TYR B 113 -14.76 -2.69 -3.38
N MET B 114 -13.93 -3.73 -3.30
CA MET B 114 -14.16 -4.86 -2.42
C MET B 114 -13.28 -4.70 -1.19
N MET B 115 -13.14 -5.77 -0.40
CA MET B 115 -12.37 -5.67 0.82
C MET B 115 -11.80 -7.04 1.13
N SER B 116 -10.84 -7.06 2.06
CA SER B 116 -10.34 -8.31 2.62
C SER B 116 -11.38 -9.38 2.94
N ASN B 117 -12.43 -9.00 3.66
CA ASN B 117 -13.44 -9.95 4.13
C ASN B 117 -14.68 -9.81 3.26
N GLY B 118 -14.52 -9.58 1.95
CA GLY B 118 -15.65 -9.56 1.03
C GLY B 118 -16.60 -8.40 1.12
N TYR B 119 -16.37 -7.40 1.97
CA TYR B 119 -17.30 -6.29 2.11
C TYR B 119 -17.22 -5.33 0.93
N LYS B 120 -18.37 -5.01 0.35
CA LYS B 120 -18.46 -4.08 -0.77
C LYS B 120 -19.56 -3.04 -0.54
N PRO B 121 -19.19 -1.79 -0.29
CA PRO B 121 -20.20 -0.75 0.00
C PRO B 121 -21.25 -0.66 -1.09
N ALA B 122 -22.47 -0.27 -0.70
CA ALA B 122 -23.59 -0.14 -1.63
C ALA B 122 -24.52 0.98 -1.17
N PRO B 123 -24.09 2.22 -1.31
CA PRO B 123 -24.98 3.34 -0.96
C PRO B 123 -26.19 3.39 -1.88
N LEU B 124 -27.23 4.06 -1.40
CA LEU B 124 -28.43 4.26 -2.21
C LEU B 124 -28.14 5.19 -3.38
N ASP B 125 -28.63 4.82 -4.56
CA ASP B 125 -28.45 5.66 -5.75
C ASP B 125 -29.47 6.79 -5.66
N LEU B 126 -29.09 7.87 -4.98
CA LEU B 126 -29.95 9.03 -4.78
C LEU B 126 -29.46 10.26 -5.55
N SER B 127 -28.87 10.05 -6.73
CA SER B 127 -28.42 11.16 -7.55
C SER B 127 -29.57 11.95 -8.15
N ASP B 128 -30.78 11.38 -8.17
CA ASP B 128 -31.95 12.00 -8.76
C ASP B 128 -32.74 12.90 -7.80
N VAL B 129 -32.23 13.16 -6.60
CA VAL B 129 -33.02 13.82 -5.56
C VAL B 129 -32.47 15.24 -5.38
N LYS B 130 -33.16 16.22 -5.94
CA LYS B 130 -32.83 17.63 -5.78
C LYS B 130 -33.76 18.31 -4.76
N LEU B 131 -33.20 19.28 -4.04
CA LEU B 131 -33.92 20.05 -3.03
C LEU B 131 -33.74 21.53 -3.28
N LEU B 132 -34.81 22.32 -3.08
CA LEU B 132 -34.68 23.77 -3.17
C LEU B 132 -34.01 24.32 -1.92
N PRO B 133 -33.55 25.57 -1.97
CA PRO B 133 -32.78 26.14 -0.85
C PRO B 133 -33.49 25.98 0.49
N PRO B 134 -34.80 26.19 0.54
CA PRO B 134 -35.50 26.01 1.83
C PRO B 134 -35.20 24.66 2.47
N GLN B 135 -34.95 23.64 1.67
CA GLN B 135 -34.56 22.34 2.23
C GLN B 135 -33.07 22.26 2.50
N GLU B 136 -32.26 23.05 1.80
CA GLU B 136 -30.81 23.09 2.01
C GLU B 136 -30.41 23.98 3.18
N ILE B 137 -31.26 24.91 3.60
CA ILE B 137 -30.97 25.68 4.80
C ILE B 137 -31.21 24.82 6.03
N LEU B 138 -32.11 23.84 5.91
CA LEU B 138 -32.30 22.88 6.99
C LEU B 138 -31.15 21.89 7.09
N VAL B 139 -30.66 21.40 5.94
CA VAL B 139 -29.53 20.47 5.95
C VAL B 139 -28.30 21.12 6.57
N ASP B 140 -28.07 22.41 6.29
CA ASP B 140 -26.93 23.09 6.88
C ASP B 140 -27.06 23.17 8.39
N LYS B 141 -28.29 23.35 8.88
CA LYS B 141 -28.52 23.41 10.33
C LYS B 141 -28.29 22.03 10.98
N LEU B 142 -28.76 20.96 10.35
CA LEU B 142 -28.59 19.63 10.93
C LEU B 142 -27.12 19.22 11.01
N ALA B 143 -26.33 19.56 9.98
CA ALA B 143 -24.93 19.17 10.01
C ALA B 143 -24.17 19.88 11.12
N GLU B 144 -24.53 21.14 11.40
CA GLU B 144 -23.92 21.83 12.53
C GLU B 144 -24.34 21.22 13.86
N ASN B 145 -25.63 20.88 13.99
CA ASN B 145 -26.10 20.24 15.21
C ASN B 145 -25.52 18.84 15.37
N ALA B 146 -25.37 18.11 14.26
CA ALA B 146 -24.78 16.77 14.34
C ALA B 146 -23.37 16.82 14.90
N HIS B 147 -22.65 17.92 14.67
CA HIS B 147 -21.33 18.07 15.27
C HIS B 147 -21.44 18.29 16.77
N ASN B 148 -22.46 19.04 17.20
CA ASN B 148 -22.64 19.31 18.63
C ASN B 148 -23.13 18.06 19.36
N VAL B 149 -23.99 17.26 18.71
CA VAL B 149 -24.45 16.03 19.33
C VAL B 149 -23.29 15.05 19.47
N TRP B 150 -22.45 14.94 18.44
CA TRP B 150 -21.26 14.12 18.53
C TRP B 150 -20.30 14.66 19.59
N ALA B 151 -20.18 15.98 19.69
CA ALA B 151 -19.24 16.56 20.65
C ALA B 151 -19.67 16.27 22.08
N LYS B 152 -20.96 16.44 22.39
CA LYS B 152 -21.43 16.15 23.74
C LYS B 152 -21.36 14.65 24.03
N ASP B 153 -21.75 13.81 23.07
CA ASP B 153 -21.75 12.38 23.31
C ASP B 153 -20.35 11.82 23.50
N ARG B 154 -19.36 12.37 22.81
CA ARG B 154 -17.98 11.93 23.00
C ARG B 154 -17.35 12.59 24.22
N ILE B 155 -17.69 13.85 24.49
CA ILE B 155 -17.17 14.54 25.66
C ILE B 155 -17.69 13.88 26.94
N LYS B 156 -18.92 13.37 26.90
CA LYS B 156 -19.46 12.68 28.07
C LYS B 156 -18.82 11.31 28.26
N GLN B 157 -18.20 10.75 27.23
CA GLN B 157 -17.39 9.55 27.37
C GLN B 157 -15.94 9.87 27.76
N GLY B 158 -15.59 11.15 27.90
CA GLY B 158 -14.29 11.53 28.42
C GLY B 158 -13.33 12.14 27.42
N TRP B 159 -13.72 12.32 26.17
CA TRP B 159 -12.78 12.80 25.16
C TRP B 159 -12.45 14.28 25.38
N THR B 160 -11.19 14.64 25.15
CA THR B 160 -10.71 16.00 25.26
C THR B 160 -9.98 16.38 23.98
N TYR B 161 -9.67 17.67 23.84
CA TYR B 161 -8.96 18.13 22.66
C TYR B 161 -7.50 17.70 22.69
N GLY B 162 -6.95 17.49 21.51
CA GLY B 162 -5.53 17.23 21.32
C GLY B 162 -5.18 17.49 19.89
N ILE B 163 -3.87 17.67 19.64
CA ILE B 163 -3.47 17.99 18.28
C ILE B 163 -3.60 16.76 17.39
N GLN B 164 -3.45 15.57 17.96
CA GLN B 164 -3.66 14.31 17.26
C GLN B 164 -4.48 13.39 18.15
N GLN B 165 -4.98 12.31 17.56
CA GLN B 165 -5.98 11.47 18.21
C GLN B 165 -5.36 10.24 18.87
N ASP B 166 -5.97 9.81 19.98
CA ASP B 166 -5.55 8.64 20.73
C ASP B 166 -6.79 7.84 21.10
N LEU B 167 -6.78 6.54 20.83
CA LEU B 167 -7.94 5.70 21.09
C LEU B 167 -7.97 5.13 22.50
N LYS B 168 -6.99 5.47 23.35
CA LYS B 168 -6.91 5.01 24.73
C LYS B 168 -6.95 6.13 25.73
N ASN B 169 -6.19 7.20 25.50
CA ASN B 169 -6.17 8.37 26.38
C ASN B 169 -7.26 9.37 26.04
N LYS B 170 -8.22 8.98 25.20
CA LYS B 170 -9.28 9.86 24.71
C LYS B 170 -9.04 11.29 24.26
N ARG B 171 -8.07 11.50 23.36
CA ARG B 171 -7.89 12.78 22.71
C ARG B 171 -8.17 12.85 21.23
N ASN B 172 -8.78 13.95 20.78
CA ASN B 172 -9.19 14.10 19.39
C ASN B 172 -9.18 15.58 19.07
N PRO B 173 -8.62 15.98 17.91
CA PRO B 173 -8.49 17.42 17.62
C PRO B 173 -9.76 18.09 17.14
N ARG B 174 -10.76 17.35 16.71
CA ARG B 174 -11.96 17.92 16.13
C ARG B 174 -13.05 18.28 17.14
N LEU B 175 -12.79 18.07 18.44
CA LEU B 175 -13.76 18.45 19.47
C LEU B 175 -13.65 19.96 19.73
N VAL B 176 -14.05 20.72 18.72
CA VAL B 176 -14.03 22.18 18.79
C VAL B 176 -15.38 22.72 18.33
N PRO B 177 -15.68 23.99 18.55
CA PRO B 177 -16.92 24.56 18.02
C PRO B 177 -17.00 24.44 16.50
N TYR B 178 -18.23 24.42 16.00
CA TYR B 178 -18.42 24.27 14.56
C TYR B 178 -17.85 25.46 13.80
N ALA B 179 -17.86 26.65 14.41
CA ALA B 179 -17.25 27.81 13.80
C ALA B 179 -15.74 27.75 13.85
N LEU B 180 -15.18 26.91 14.71
CA LEU B 180 -13.74 26.69 14.76
C LEU B 180 -13.29 25.57 13.84
N LEU B 181 -14.21 24.72 13.39
CA LEU B 181 -13.86 23.54 12.62
C LEU B 181 -13.44 23.93 11.21
N ASP B 182 -12.62 23.08 10.60
CA ASP B 182 -12.22 23.29 9.21
C ASP B 182 -13.37 22.97 8.27
N GLU B 183 -13.39 23.68 7.14
CA GLU B 183 -14.47 23.51 6.18
C GLU B 183 -14.43 22.15 5.50
N ARG B 184 -13.25 21.52 5.43
CA ARG B 184 -13.18 20.20 4.82
C ARG B 184 -14.02 19.19 5.60
N THR B 185 -13.93 19.23 6.92
CA THR B 185 -14.75 18.33 7.74
C THR B 185 -16.19 18.82 7.83
N LYS B 186 -16.40 20.14 7.93
CA LYS B 186 -17.75 20.67 7.94
C LYS B 186 -18.49 20.24 6.68
N LYS B 187 -17.89 20.46 5.51
CA LYS B 187 -18.53 20.12 4.25
C LYS B 187 -18.74 18.63 4.12
N SER B 188 -17.76 17.83 4.52
CA SER B 188 -17.88 16.38 4.43
C SER B 188 -19.07 15.86 5.22
N ASN B 189 -19.30 16.42 6.41
CA ASN B 189 -20.41 15.95 7.23
C ASN B 189 -21.77 16.42 6.70
N ARG B 190 -21.87 17.70 6.31
CA ARG B 190 -23.14 18.18 5.79
C ARG B 190 -23.49 17.48 4.48
N ASP B 191 -22.49 17.07 3.70
CA ASP B 191 -22.76 16.27 2.53
C ASP B 191 -23.45 14.96 2.95
N SER B 192 -22.97 14.35 4.03
CA SER B 192 -23.58 13.11 4.51
C SER B 192 -25.01 13.34 4.98
N LEU B 193 -25.25 14.46 5.68
CA LEU B 193 -26.60 14.81 6.09
C LEU B 193 -27.41 15.37 4.94
N ARG B 194 -26.75 15.78 3.85
CA ARG B 194 -27.46 16.07 2.62
C ARG B 194 -28.12 14.81 2.10
N GLU B 195 -27.35 13.71 2.04
CA GLU B 195 -27.90 12.42 1.66
C GLU B 195 -28.85 11.88 2.72
N ALA B 196 -28.68 12.30 3.98
CA ALA B 196 -29.62 11.90 5.03
C ALA B 196 -31.03 12.38 4.72
N VAL B 197 -31.19 13.69 4.49
CA VAL B 197 -32.51 14.21 4.15
C VAL B 197 -32.97 13.65 2.81
N ARG B 198 -32.04 13.42 1.90
CA ARG B 198 -32.37 12.77 0.63
C ARG B 198 -32.86 11.35 0.84
N THR B 199 -32.29 10.65 1.83
CA THR B 199 -32.74 9.28 2.11
C THR B 199 -34.20 9.25 2.55
N PHE B 200 -34.63 10.25 3.31
CA PHE B 200 -36.04 10.33 3.69
C PHE B 200 -36.94 10.47 2.46
N VAL B 201 -36.61 11.43 1.58
CA VAL B 201 -37.43 11.64 0.39
C VAL B 201 -37.38 10.42 -0.53
N GLY B 202 -36.27 9.69 -0.51
CA GLY B 202 -36.18 8.52 -1.38
C GLY B 202 -37.15 7.42 -0.98
N TYR B 203 -37.37 7.27 0.32
CA TYR B 203 -38.35 6.31 0.82
C TYR B 203 -39.77 6.87 0.84
N GLY B 204 -39.97 8.12 0.43
CA GLY B 204 -41.30 8.69 0.33
C GLY B 204 -41.74 9.55 1.50
N TYR B 205 -40.83 10.01 2.34
CA TYR B 205 -41.16 10.83 3.49
C TYR B 205 -40.96 12.31 3.19
N ASN B 206 -41.59 13.15 4.00
CA ASN B 206 -41.65 14.58 3.78
C ASN B 206 -40.91 15.33 4.88
N ILE B 207 -40.37 16.49 4.52
CA ILE B 207 -39.59 17.29 5.46
C ILE B 207 -40.03 18.75 5.31
N GLU B 208 -41.03 19.14 6.09
CA GLU B 208 -41.60 20.48 6.05
C GLU B 208 -42.11 20.83 7.43
N PRO B 209 -42.26 22.13 7.74
CA PRO B 209 -42.77 22.55 9.05
C PRO B 209 -44.18 22.01 9.32
N PHE C 5 33.59 -17.64 13.38
CA PHE C 5 32.94 -16.96 14.49
C PHE C 5 31.47 -17.36 14.58
N ILE C 6 30.96 -17.51 15.80
CA ILE C 6 29.61 -18.01 16.03
C ILE C 6 28.85 -17.06 16.93
N PRO C 7 28.16 -16.05 16.38
CA PRO C 7 27.31 -15.19 17.22
C PRO C 7 25.92 -15.79 17.38
N CYS C 8 25.43 -15.86 18.61
CA CYS C 8 24.09 -16.33 18.88
C CYS C 8 23.43 -15.44 19.92
N PRO C 9 22.39 -14.70 19.55
CA PRO C 9 21.78 -13.75 20.50
C PRO C 9 20.74 -14.39 21.40
N VAL C 10 20.15 -13.57 22.27
CA VAL C 10 19.10 -14.03 23.16
C VAL C 10 17.94 -14.62 22.36
N ASP C 11 17.35 -15.69 22.88
CA ASP C 11 16.23 -16.39 22.24
C ASP C 11 14.94 -15.70 22.62
N THR C 12 14.38 -14.91 21.71
CA THR C 12 13.12 -14.21 21.94
C THR C 12 11.91 -14.96 21.39
N SER C 13 12.11 -16.21 20.93
CA SER C 13 11.04 -16.93 20.25
C SER C 13 9.81 -17.14 21.12
N GLN C 14 10.02 -17.58 22.37
CA GLN C 14 8.91 -18.06 23.20
C GLN C 14 7.94 -16.95 23.60
N VAL C 15 8.44 -15.75 23.83
CA VAL C 15 7.62 -14.64 24.31
C VAL C 15 7.03 -13.89 23.14
N ILE C 16 5.84 -13.34 23.37
CA ILE C 16 5.11 -12.54 22.40
C ILE C 16 4.85 -11.20 23.09
N LEU C 17 5.13 -10.12 22.39
CA LEU C 17 5.00 -8.81 23.00
C LEU C 17 3.63 -8.69 23.66
N PRO C 18 3.57 -8.23 24.92
CA PRO C 18 2.27 -8.13 25.59
C PRO C 18 1.43 -7.04 24.96
N PRO C 19 0.10 -7.16 25.01
CA PRO C 19 -0.75 -6.18 24.33
C PRO C 19 -0.60 -4.77 24.88
N HIS C 20 -0.18 -4.61 26.13
CA HIS C 20 0.04 -3.28 26.69
C HIS C 20 1.26 -2.57 26.11
N LEU C 21 2.14 -3.29 25.42
CA LEU C 21 3.33 -2.72 24.80
C LEU C 21 3.21 -2.53 23.29
N GLU C 22 2.10 -2.90 22.67
CA GLU C 22 2.00 -2.85 21.21
C GLU C 22 2.13 -1.44 20.64
N LYS C 23 1.97 -0.39 21.46
CA LYS C 23 2.10 0.97 20.96
C LYS C 23 3.51 1.54 21.12
N ILE C 24 4.17 1.26 22.24
CA ILE C 24 5.52 1.75 22.48
C ILE C 24 6.53 1.17 21.50
N ARG C 25 6.24 0.02 20.90
CA ARG C 25 7.12 -0.50 19.85
C ARG C 25 7.12 0.41 18.63
N ASP C 26 5.98 1.06 18.35
CA ASP C 26 5.90 1.95 17.20
C ASP C 26 6.52 3.30 17.51
N ARG C 27 6.27 3.83 18.71
CA ARG C 27 6.85 5.11 19.10
C ARG C 27 8.37 5.02 19.18
N LEU C 28 8.88 3.88 19.65
CA LEU C 28 10.33 3.70 19.73
C LEU C 28 10.94 3.64 18.33
N ALA C 29 10.24 3.02 17.38
CA ALA C 29 10.73 2.94 16.02
C ALA C 29 10.67 4.29 15.30
N GLU C 30 9.67 5.11 15.63
CA GLU C 30 9.55 6.42 14.98
C GLU C 30 10.71 7.32 15.34
N ASN C 31 11.06 7.40 16.63
CA ASN C 31 12.12 8.31 17.05
C ASN C 31 13.48 7.87 16.53
N ILE C 32 13.74 6.56 16.58
CA ILE C 32 15.04 6.02 16.15
C ILE C 32 15.32 6.30 14.68
N HIS C 33 14.28 6.38 13.85
CA HIS C 33 14.52 6.63 12.42
C HIS C 33 15.04 8.04 12.16
N GLU C 34 14.45 9.08 12.78
CA GLU C 34 14.99 10.42 12.55
C GLU C 34 16.32 10.60 13.27
N LEU C 35 16.47 9.96 14.43
CA LEU C 35 17.76 9.97 15.11
C LEU C 35 18.78 9.33 14.19
N TRP C 36 18.37 8.30 13.47
CA TRP C 36 19.15 7.78 12.36
C TRP C 36 19.31 8.83 11.26
N GLY C 37 18.21 9.50 10.91
CA GLY C 37 18.27 10.45 9.81
C GLY C 37 19.19 11.62 10.08
N MET C 38 19.18 12.14 11.32
CA MET C 38 20.07 13.25 11.63
C MET C 38 21.53 12.82 11.66
N ASN C 39 21.84 11.77 12.42
CA ASN C 39 23.23 11.38 12.63
C ASN C 39 23.85 10.80 11.36
N LYS C 40 23.08 10.05 10.58
CA LYS C 40 23.62 9.54 9.32
C LYS C 40 23.81 10.66 8.31
N ILE C 41 22.85 11.59 8.25
CA ILE C 41 22.96 12.77 7.40
C ILE C 41 24.10 13.67 7.83
N GLU C 42 24.40 13.70 9.13
CA GLU C 42 25.47 14.54 9.65
C GLU C 42 26.81 14.25 9.00
N LEU C 43 26.95 13.10 8.34
CA LEU C 43 28.15 12.75 7.61
C LEU C 43 28.14 13.26 6.18
N GLY C 44 27.19 14.13 5.82
CA GLY C 44 27.18 14.72 4.49
C GLY C 44 26.40 13.92 3.46
N TRP C 45 25.13 13.63 3.77
CA TRP C 45 24.26 12.83 2.94
C TRP C 45 23.01 13.61 2.53
N THR C 46 22.62 13.44 1.26
CA THR C 46 21.39 14.02 0.74
C THR C 46 20.47 12.92 0.22
N PHE C 47 19.28 13.32 -0.19
CA PHE C 47 18.28 12.42 -0.71
C PHE C 47 18.49 12.17 -2.20
N GLY C 48 17.86 11.12 -2.70
CA GLY C 48 17.94 10.81 -4.10
C GLY C 48 17.17 9.55 -4.41
N LYS C 49 16.76 9.45 -5.68
CA LYS C 49 15.97 8.32 -6.15
C LYS C 49 16.81 7.06 -6.26
N ILE C 50 18.13 7.19 -6.25
CA ILE C 50 19.06 6.07 -6.30
C ILE C 50 20.08 6.30 -5.19
N ARG C 51 20.61 5.20 -4.65
CA ARG C 51 21.55 5.28 -3.54
C ARG C 51 22.93 5.66 -4.06
N ASP C 52 23.03 6.88 -4.58
CA ASP C 52 24.29 7.36 -5.12
C ASP C 52 25.27 7.59 -3.98
N ASP C 53 26.25 6.68 -3.86
CA ASP C 53 27.24 6.78 -2.80
C ASP C 53 28.21 7.93 -3.05
N ASN C 54 28.70 8.07 -4.30
CA ASN C 54 29.65 9.14 -4.58
C ASN C 54 29.01 10.52 -4.43
N LYS C 55 27.69 10.59 -4.41
CA LYS C 55 26.97 11.82 -4.15
C LYS C 55 26.38 11.86 -2.74
N ARG C 56 26.55 10.78 -1.96
CA ARG C 56 26.02 10.74 -0.60
C ARG C 56 24.51 10.83 -0.57
N GLN C 57 23.86 10.07 -1.46
CA GLN C 57 22.42 10.08 -1.64
C GLN C 57 21.82 8.77 -1.14
N HIS C 58 20.60 8.87 -0.61
CA HIS C 58 19.90 7.75 0.02
C HIS C 58 18.39 8.01 0.02
N PRO C 59 17.54 7.00 -0.32
CA PRO C 59 16.11 7.24 -0.47
C PRO C 59 15.19 7.21 0.73
N CYS C 60 15.63 6.63 1.83
CA CYS C 60 14.79 6.54 3.06
C CYS C 60 15.10 7.78 3.89
N LEU C 61 15.55 8.86 3.23
CA LEU C 61 15.79 10.12 3.95
C LEU C 61 14.45 10.87 3.86
N VAL C 62 13.39 10.26 4.35
CA VAL C 62 12.04 10.88 4.32
C VAL C 62 11.41 10.66 5.69
N GLU C 63 10.15 11.07 5.89
CA GLU C 63 9.53 10.78 7.17
C GLU C 63 9.25 9.29 7.38
N PHE C 64 9.08 8.91 8.65
CA PHE C 64 8.98 7.49 8.99
C PHE C 64 7.77 6.83 8.35
N SER C 65 6.66 7.55 8.25
CA SER C 65 5.43 6.97 7.69
C SER C 65 5.53 6.65 6.21
N LYS C 66 6.49 7.25 5.48
CA LYS C 66 6.55 7.11 4.03
C LYS C 66 7.73 6.27 3.57
N LEU C 67 8.33 5.50 4.46
CA LEU C 67 9.48 4.68 4.09
C LEU C 67 9.03 3.42 3.36
N PRO C 68 9.87 2.89 2.48
CA PRO C 68 9.60 1.56 1.91
C PRO C 68 9.63 0.51 3.01
N GLU C 69 8.91 -0.59 2.77
CA GLU C 69 8.73 -1.60 3.80
C GLU C 69 10.02 -2.34 4.11
N THR C 70 10.90 -2.52 3.13
CA THR C 70 12.14 -3.24 3.38
C THR C 70 12.98 -2.56 4.44
N GLU C 71 12.88 -1.24 4.55
CA GLU C 71 13.53 -0.50 5.63
C GLU C 71 12.60 -0.24 6.82
N LYS C 72 11.35 0.17 6.56
CA LYS C 72 10.43 0.50 7.64
C LYS C 72 10.08 -0.72 8.48
N ASN C 73 9.77 -1.84 7.83
CA ASN C 73 9.35 -3.03 8.57
C ASN C 73 10.52 -3.68 9.29
N TYR C 74 11.75 -3.52 8.78
CA TYR C 74 12.91 -4.06 9.45
C TYR C 74 13.20 -3.28 10.74
N ASN C 75 12.97 -1.96 10.72
CA ASN C 75 13.17 -1.18 11.93
C ASN C 75 12.21 -1.59 13.03
N LEU C 76 10.94 -1.82 12.67
CA LEU C 76 9.95 -2.26 13.65
C LEU C 76 10.16 -3.69 14.10
N GLN C 77 10.80 -4.52 13.28
CA GLN C 77 11.11 -5.89 13.69
C GLN C 77 12.27 -5.92 14.68
N MET C 78 13.27 -5.06 14.50
CA MET C 78 14.35 -4.96 15.47
C MET C 78 13.86 -4.35 16.77
N SER C 79 12.85 -3.49 16.70
CA SER C 79 12.23 -2.97 17.92
C SER C 79 11.54 -4.07 18.70
N THR C 80 10.77 -4.91 18.01
CA THR C 80 10.11 -6.03 18.67
C THR C 80 11.12 -6.93 19.38
N GLU C 81 12.22 -7.27 18.69
CA GLU C 81 13.20 -8.17 19.29
C GLU C 81 13.93 -7.52 20.45
N THR C 82 14.12 -6.21 20.42
CA THR C 82 14.78 -5.52 21.53
C THR C 82 13.86 -5.44 22.75
N LEU C 83 12.57 -5.19 22.53
CA LEU C 83 11.62 -5.22 23.64
C LEU C 83 11.47 -6.64 24.19
N LYS C 84 11.36 -7.62 23.30
CA LYS C 84 11.22 -9.00 23.75
C LYS C 84 12.47 -9.48 24.47
N THR C 85 13.64 -8.96 24.08
CA THR C 85 14.88 -9.34 24.77
C THR C 85 14.83 -8.95 26.23
N LEU C 86 14.22 -7.80 26.55
CA LEU C 86 14.08 -7.39 27.94
C LEU C 86 13.29 -8.41 28.74
N LEU C 87 12.16 -8.87 28.20
CA LEU C 87 11.36 -9.88 28.89
C LEU C 87 12.15 -11.16 29.10
N ALA C 88 13.05 -11.50 28.16
CA ALA C 88 13.86 -12.69 28.33
C ALA C 88 14.87 -12.52 29.47
N LEU C 89 15.29 -11.29 29.76
CA LEU C 89 16.23 -11.01 30.84
C LEU C 89 15.56 -10.82 32.20
N GLY C 90 14.26 -11.01 32.32
CA GLY C 90 13.67 -10.92 33.64
C GLY C 90 13.34 -9.51 34.07
N CYS C 91 13.25 -8.58 33.13
CA CYS C 91 13.09 -7.16 33.44
C CYS C 91 11.65 -6.83 33.76
N HIS C 92 11.47 -5.89 34.69
CA HIS C 92 10.16 -5.37 35.01
C HIS C 92 9.91 -4.16 34.10
N ILE C 93 8.92 -4.28 33.22
CA ILE C 93 8.54 -3.21 32.32
C ILE C 93 7.29 -2.57 32.89
N ALA C 94 7.45 -1.39 33.47
CA ALA C 94 6.35 -0.69 34.11
C ALA C 94 6.12 0.67 33.45
N HIS C 95 5.05 1.33 33.91
CA HIS C 95 4.65 2.66 33.47
C HIS C 95 4.51 3.54 34.70
N VAL C 96 5.21 4.67 34.71
CA VAL C 96 5.28 5.53 35.88
C VAL C 96 4.34 6.73 35.75
N ASN C 97 4.49 7.52 34.67
CA ASN C 97 3.65 8.69 34.48
C ASN C 97 3.45 8.96 32.98
N PRO C 98 2.21 9.15 32.52
CA PRO C 98 1.95 9.41 31.10
C PRO C 98 2.28 10.82 30.64
N ALA C 99 2.25 11.79 31.55
CA ALA C 99 2.43 13.19 31.17
C ALA C 99 3.81 13.50 30.61
N ALA C 100 4.79 12.61 30.80
CA ALA C 100 6.08 12.82 30.16
C ALA C 100 5.98 12.77 28.63
N GLU C 101 5.04 11.98 28.11
CA GLU C 101 4.83 11.90 26.66
C GLU C 101 4.09 13.09 26.10
N GLU C 102 3.45 13.92 26.93
CA GLU C 102 2.80 15.13 26.45
C GLU C 102 3.66 16.37 26.61
N ASP C 103 4.53 16.41 27.61
CA ASP C 103 5.55 17.45 27.63
C ASP C 103 6.74 17.10 26.74
N LEU C 104 6.55 16.18 25.80
CA LEU C 104 7.65 15.70 24.96
C LEU C 104 7.78 16.59 23.75
N LYS C 105 8.96 17.11 23.54
CA LYS C 105 9.23 17.99 22.41
C LYS C 105 10.20 17.36 21.42
N LYS C 106 10.19 17.91 20.22
CA LYS C 106 11.13 17.58 19.17
C LYS C 106 12.10 18.74 19.04
N VAL C 107 13.23 18.49 18.40
CA VAL C 107 14.34 19.44 18.42
C VAL C 107 14.24 20.41 17.25
N LYS C 108 14.56 21.66 17.51
CA LYS C 108 14.63 22.66 16.45
C LYS C 108 15.63 22.23 15.39
N LEU C 109 15.37 22.63 14.14
CA LEU C 109 16.11 22.12 13.01
C LEU C 109 17.06 23.17 12.46
N PRO C 110 18.37 22.92 12.41
CA PRO C 110 19.27 23.89 11.80
C PRO C 110 18.87 24.14 10.36
N LYS C 111 19.35 25.25 9.81
CA LYS C 111 18.97 25.59 8.44
C LYS C 111 19.31 24.46 7.48
N ASN C 112 20.51 23.91 7.60
CA ASN C 112 20.97 22.80 6.77
C ASN C 112 20.28 21.52 7.23
N TYR C 113 19.06 21.31 6.73
CA TYR C 113 18.27 20.13 7.08
C TYR C 113 16.84 20.23 6.55
N MET C 115 15.39 19.41 3.29
CA MET C 115 16.08 19.01 2.07
C MET C 115 15.12 18.94 0.88
N SER C 116 15.55 18.24 -0.17
CA SER C 116 14.80 18.12 -1.41
C SER C 116 13.30 17.82 -1.37
N ASN C 117 12.88 16.87 -0.53
CA ASN C 117 11.50 16.42 -0.53
C ASN C 117 10.88 16.97 0.76
N GLY C 118 11.26 18.19 1.14
CA GLY C 118 10.66 18.84 2.30
C GLY C 118 10.98 18.21 3.64
N TYR C 119 11.78 17.12 3.67
CA TYR C 119 12.18 16.39 4.86
C TYR C 119 13.26 17.10 5.67
N LYS C 120 12.99 17.35 6.96
CA LYS C 120 13.92 17.96 7.92
C LYS C 120 13.88 17.16 9.22
N PRO C 121 14.94 16.43 9.57
CA PRO C 121 14.89 15.55 10.75
C PRO C 121 14.47 16.31 12.01
N ALA C 122 13.74 15.61 12.89
CA ALA C 122 13.27 16.19 14.14
C ALA C 122 13.16 15.10 15.21
N PRO C 123 14.30 14.60 15.69
CA PRO C 123 14.27 13.58 16.74
C PRO C 123 13.76 14.15 18.06
N LEU C 124 13.37 13.24 18.95
CA LEU C 124 12.96 13.64 20.30
C LEU C 124 14.17 14.17 21.06
N ASP C 125 13.96 15.29 21.77
CA ASP C 125 15.02 15.92 22.56
C ASP C 125 15.22 15.14 23.85
N LEU C 126 16.16 14.20 23.82
CA LEU C 126 16.43 13.35 24.99
C LEU C 126 17.74 13.73 25.67
N SER C 127 18.15 15.00 25.55
CA SER C 127 19.29 15.48 26.29
C SER C 127 18.95 15.74 27.76
N ASP C 128 17.66 15.88 28.07
CA ASP C 128 17.20 16.15 29.44
C ASP C 128 16.97 14.86 30.21
N VAL C 129 17.30 13.73 29.64
CA VAL C 129 17.01 12.42 30.21
C VAL C 129 18.35 11.84 30.63
N LYS C 130 18.63 11.87 31.92
CA LYS C 130 19.85 11.29 32.45
C LYS C 130 19.54 9.88 32.93
N LEU C 131 20.56 9.02 32.91
CA LEU C 131 20.41 7.61 33.24
C LEU C 131 21.30 7.28 34.43
N LEU C 132 20.78 6.43 35.30
CA LEU C 132 21.54 6.00 36.45
C LEU C 132 22.59 4.98 36.02
N PRO C 133 23.62 4.78 36.83
CA PRO C 133 24.73 3.91 36.43
C PRO C 133 24.24 2.52 36.04
N PRO C 134 23.36 1.92 36.86
CA PRO C 134 22.85 0.58 36.51
C PRO C 134 22.18 0.49 35.14
N GLN C 135 21.58 1.57 34.64
CA GLN C 135 20.86 1.52 33.38
C GLN C 135 21.77 1.57 32.16
N GLU C 136 23.00 2.06 32.30
CA GLU C 136 23.94 2.07 31.19
C GLU C 136 24.60 0.71 30.99
N ILE C 137 24.61 -0.14 32.00
CA ILE C 137 25.12 -1.50 31.83
C ILE C 137 24.09 -2.36 31.10
N LEU C 138 22.80 -2.07 31.30
CA LEU C 138 21.78 -2.78 30.52
C LEU C 138 21.78 -2.31 29.07
N VAL C 139 22.00 -1.01 28.85
CA VAL C 139 22.08 -0.49 27.49
C VAL C 139 23.23 -1.16 26.75
N ASP C 140 24.35 -1.41 27.44
CA ASP C 140 25.47 -2.10 26.82
C ASP C 140 25.13 -3.55 26.50
N LYS C 141 24.34 -4.21 27.37
CA LYS C 141 23.94 -5.58 27.08
C LYS C 141 23.02 -5.63 25.86
N LEU C 142 22.08 -4.69 25.77
CA LEU C 142 21.20 -4.63 24.62
C LEU C 142 21.98 -4.30 23.36
N ALA C 143 22.96 -3.39 23.46
CA ALA C 143 23.75 -3.01 22.30
C ALA C 143 24.64 -4.14 21.83
N GLU C 144 25.15 -4.97 22.74
CA GLU C 144 25.94 -6.13 22.34
C GLU C 144 25.08 -7.16 21.64
N ASN C 145 23.88 -7.43 22.16
CA ASN C 145 23.00 -8.41 21.55
C ASN C 145 22.51 -7.94 20.18
N ALA C 146 22.26 -6.63 20.03
CA ALA C 146 21.83 -6.12 18.74
C ALA C 146 22.85 -6.41 17.65
N HIS C 147 24.13 -6.50 18.02
CA HIS C 147 25.15 -6.87 17.05
C HIS C 147 25.03 -8.35 16.66
N ASN C 148 24.69 -9.21 17.63
CA ASN C 148 24.60 -10.64 17.35
C ASN C 148 23.39 -10.97 16.48
N VAL C 149 22.27 -10.30 16.71
CA VAL C 149 21.09 -10.55 15.88
C VAL C 149 21.33 -10.05 14.47
N TRP C 150 21.95 -8.87 14.34
CA TRP C 150 22.31 -8.36 13.02
C TRP C 150 23.29 -9.29 12.32
N ALA C 151 24.25 -9.84 13.07
CA ALA C 151 25.25 -10.73 12.48
C ALA C 151 24.62 -12.04 12.02
N LYS C 152 23.74 -12.62 12.86
CA LYS C 152 23.08 -13.86 12.48
C LYS C 152 22.16 -13.65 11.28
N ASP C 153 21.44 -12.53 11.26
CA ASP C 153 20.52 -12.26 10.15
C ASP C 153 21.26 -12.04 8.84
N ARG C 154 22.44 -11.43 8.89
CA ARG C 154 23.24 -11.23 7.70
C ARG C 154 24.03 -12.47 7.33
N ILE C 155 24.52 -13.20 8.33
CA ILE C 155 25.24 -14.44 8.06
C ILE C 155 24.29 -15.47 7.45
N LYS C 156 23.03 -15.48 7.87
CA LYS C 156 22.06 -16.41 7.30
C LYS C 156 21.63 -16.04 5.89
N GLN C 157 21.78 -14.77 5.49
CA GLN C 157 21.58 -14.39 4.10
C GLN C 157 22.83 -14.56 3.23
N GLY C 158 23.94 -15.02 3.81
CA GLY C 158 25.11 -15.38 3.02
C GLY C 158 26.32 -14.48 3.16
N TRP C 159 26.26 -13.44 4.00
CA TRP C 159 27.35 -12.49 4.08
C TRP C 159 28.57 -13.10 4.79
N THR C 160 29.76 -12.71 4.32
CA THR C 160 31.03 -13.14 4.89
C THR C 160 31.86 -11.92 5.24
N TYR C 161 32.94 -12.14 5.98
CA TYR C 161 33.83 -11.05 6.37
C TYR C 161 34.64 -10.55 5.18
N GLY C 162 34.98 -9.27 5.24
CA GLY C 162 35.88 -8.67 4.27
C GLY C 162 36.49 -7.40 4.84
N ILE C 163 37.61 -7.01 4.24
CA ILE C 163 38.35 -5.85 4.75
C ILE C 163 37.64 -4.54 4.40
N GLN C 164 36.89 -4.52 3.31
CA GLN C 164 36.14 -3.36 2.88
C GLN C 164 34.71 -3.80 2.59
N GLN C 165 33.83 -2.84 2.35
CA GLN C 165 32.42 -3.16 2.21
C GLN C 165 32.14 -3.46 0.74
N ASP C 166 31.23 -4.41 0.52
CA ASP C 166 30.92 -4.84 -0.83
C ASP C 166 29.42 -5.00 -1.02
N LEU C 167 28.90 -4.35 -2.04
CA LEU C 167 27.49 -4.45 -2.42
C LEU C 167 27.24 -5.56 -3.43
N LYS C 168 28.29 -6.33 -3.72
CA LYS C 168 28.20 -7.45 -4.69
C LYS C 168 28.63 -8.76 -4.02
N ASN C 169 29.94 -9.02 -3.97
CA ASN C 169 30.38 -10.20 -3.20
C ASN C 169 29.88 -9.71 -1.86
N LYS C 170 29.11 -10.52 -1.16
CA LYS C 170 28.45 -10.06 0.07
C LYS C 170 29.54 -10.11 1.14
N ARG C 171 30.46 -9.15 1.15
CA ARG C 171 31.43 -9.06 2.26
C ARG C 171 31.35 -7.69 2.95
N ASN C 172 31.36 -7.68 4.28
CA ASN C 172 31.38 -6.42 5.06
C ASN C 172 32.35 -6.60 6.22
N PRO C 173 33.12 -5.57 6.59
CA PRO C 173 34.17 -5.67 7.62
C PRO C 173 33.65 -5.72 9.05
N ARG C 174 32.38 -5.39 9.27
CA ARG C 174 31.82 -5.31 10.61
C ARG C 174 31.32 -6.66 11.12
N LEU C 175 31.45 -7.72 10.31
CA LEU C 175 31.05 -9.06 10.74
C LEU C 175 32.19 -9.68 11.57
N VAL C 176 32.42 -9.06 12.73
CA VAL C 176 33.44 -9.55 13.67
C VAL C 176 32.83 -9.59 15.07
N PRO C 177 33.47 -10.25 16.03
CA PRO C 177 32.98 -10.20 17.40
C PRO C 177 32.96 -8.77 17.92
N TYR C 178 32.08 -8.53 18.90
CA TYR C 178 31.95 -7.18 19.45
C TYR C 178 33.22 -6.74 20.15
N ALA C 179 33.96 -7.68 20.74
CA ALA C 179 35.24 -7.35 21.38
C ALA C 179 36.36 -7.11 20.39
N LEU C 180 36.23 -7.60 19.15
CA LEU C 180 37.22 -7.33 18.13
C LEU C 180 36.87 -6.10 17.28
N LEU C 181 35.63 -5.64 17.34
CA LEU C 181 35.18 -4.57 16.46
C LEU C 181 35.76 -3.22 16.88
N ASP C 182 35.82 -2.31 15.91
CA ASP C 182 36.24 -0.94 16.15
C ASP C 182 35.17 -0.17 16.92
N GLU C 183 35.64 0.81 17.72
CA GLU C 183 34.74 1.60 18.52
C GLU C 183 33.86 2.53 17.69
N ARG C 184 34.30 2.87 16.47
CA ARG C 184 33.50 3.77 15.64
C ARG C 184 32.13 3.16 15.32
N THR C 185 32.10 1.87 14.99
CA THR C 185 30.82 1.21 14.73
C THR C 185 30.10 0.88 16.03
N LYS C 186 30.85 0.43 17.04
CA LYS C 186 30.27 0.14 18.34
C LYS C 186 29.56 1.35 18.94
N LYS C 187 30.23 2.51 18.89
CA LYS C 187 29.67 3.70 19.54
C LYS C 187 28.31 4.09 18.98
N SER C 188 28.15 4.01 17.65
CA SER C 188 26.87 4.35 17.05
C SER C 188 25.75 3.48 17.61
N ASN C 189 26.03 2.21 17.86
CA ASN C 189 24.99 1.31 18.39
C ASN C 189 24.69 1.62 19.85
N ARG C 190 25.72 1.83 20.67
CA ARG C 190 25.48 2.12 22.08
C ARG C 190 24.71 3.41 22.25
N ASP C 191 25.01 4.42 21.43
CA ASP C 191 24.23 5.66 21.47
C ASP C 191 22.81 5.43 20.98
N SER C 192 22.63 4.65 19.91
CA SER C 192 21.30 4.45 19.35
C SER C 192 20.38 3.73 20.34
N LEU C 193 20.88 2.69 21.00
CA LEU C 193 20.09 2.02 22.02
C LEU C 193 20.07 2.79 23.34
N ARG C 194 21.03 3.69 23.55
CA ARG C 194 20.97 4.60 24.68
C ARG C 194 19.80 5.58 24.53
N GLU C 195 19.70 6.22 23.37
CA GLU C 195 18.56 7.10 23.12
C GLU C 195 17.26 6.32 23.05
N ALA C 196 17.32 5.04 22.67
CA ALA C 196 16.14 4.21 22.73
C ALA C 196 15.67 4.04 24.17
N VAL C 197 16.59 3.63 25.06
CA VAL C 197 16.23 3.48 26.47
C VAL C 197 15.85 4.83 27.07
N ARG C 198 16.50 5.91 26.62
CA ARG C 198 16.09 7.23 27.06
C ARG C 198 14.69 7.56 26.57
N THR C 199 14.35 7.13 25.35
CA THR C 199 13.01 7.34 24.82
C THR C 199 11.98 6.60 25.66
N PHE C 200 12.34 5.42 26.18
CA PHE C 200 11.43 4.68 27.04
C PHE C 200 11.05 5.52 28.26
N VAL C 201 12.06 6.06 28.96
CA VAL C 201 11.77 6.89 30.12
C VAL C 201 11.07 8.18 29.69
N GLY C 202 11.33 8.65 28.47
CA GLY C 202 10.69 9.88 28.03
C GLY C 202 9.20 9.71 27.83
N TYR C 203 8.77 8.53 27.37
CA TYR C 203 7.35 8.23 27.26
C TYR C 203 6.74 7.79 28.58
N GLY C 204 7.53 7.69 29.64
CA GLY C 204 7.01 7.34 30.95
C GLY C 204 7.10 5.87 31.29
N TYR C 205 7.89 5.10 30.55
CA TYR C 205 8.04 3.67 30.78
C TYR C 205 9.28 3.38 31.59
N ASN C 206 9.30 2.22 32.24
CA ASN C 206 10.34 1.86 33.18
C ASN C 206 11.11 0.62 32.73
N ILE C 207 12.38 0.57 33.12
CA ILE C 207 13.31 -0.49 32.74
C ILE C 207 14.16 -0.86 33.95
N GLU C 208 13.85 -2.00 34.58
CA GLU C 208 14.53 -2.43 35.80
C GLU C 208 14.75 -3.94 35.77
N PRO C 209 15.87 -4.38 35.19
CA PRO C 209 16.16 -5.81 35.11
C PRO C 209 16.29 -6.43 36.49
N SER C 210 16.48 -7.74 36.50
CA SER C 210 16.75 -8.49 37.72
C SER C 210 18.24 -8.71 37.89
N PHE D 5 -19.94 33.21 -13.40
CA PHE D 5 -19.38 32.07 -12.69
C PHE D 5 -17.88 32.29 -12.44
N ILE D 6 -17.41 31.92 -11.26
CA ILE D 6 -16.04 32.19 -10.83
C ILE D 6 -15.39 30.92 -10.28
N PRO D 7 -14.74 30.10 -11.11
CA PRO D 7 -14.04 28.93 -10.61
C PRO D 7 -12.62 29.26 -10.15
N CYS D 8 -12.24 28.66 -9.01
CA CYS D 8 -10.90 28.87 -8.44
C CYS D 8 -10.28 27.51 -8.16
N PRO D 9 -9.17 27.18 -8.80
CA PRO D 9 -8.58 25.85 -8.69
C PRO D 9 -7.74 25.71 -7.42
N VAL D 10 -7.08 24.56 -7.30
CA VAL D 10 -6.23 24.30 -6.14
C VAL D 10 -5.24 25.44 -5.95
N ASP D 11 -5.01 25.79 -4.69
CA ASP D 11 -4.11 26.88 -4.34
C ASP D 11 -2.69 26.31 -4.28
N THR D 12 -1.92 26.53 -5.33
CA THR D 12 -0.55 26.05 -5.41
C THR D 12 0.47 27.08 -4.97
N SER D 13 0.02 28.21 -4.39
CA SER D 13 0.84 29.37 -4.04
C SER D 13 2.25 29.03 -4.48
N GLN D 14 3.15 28.80 -3.53
CA GLN D 14 4.57 28.61 -3.79
C GLN D 14 5.08 27.18 -3.62
N VAL D 15 4.32 26.20 -4.12
CA VAL D 15 4.70 24.79 -3.98
C VAL D 15 5.56 24.40 -5.17
N ILE D 16 6.59 23.56 -4.97
CA ILE D 16 7.45 23.17 -6.09
C ILE D 16 8.20 21.87 -5.83
N LEU D 17 8.14 20.93 -6.77
CA LEU D 17 8.86 19.67 -6.63
C LEU D 17 10.37 19.85 -6.86
N PRO D 18 11.21 19.11 -6.13
CA PRO D 18 12.66 19.19 -6.32
C PRO D 18 13.05 18.65 -7.67
N PRO D 19 14.24 18.99 -8.17
CA PRO D 19 14.61 18.63 -9.55
C PRO D 19 14.56 17.14 -9.85
N HIS D 20 14.63 16.27 -8.83
CA HIS D 20 14.51 14.85 -9.13
C HIS D 20 13.11 14.50 -9.62
N LEU D 21 12.14 15.39 -9.39
CA LEU D 21 10.82 15.26 -9.98
C LEU D 21 10.63 16.20 -11.16
N GLU D 22 11.59 17.07 -11.43
CA GLU D 22 11.54 17.99 -12.57
C GLU D 22 11.68 17.27 -13.90
N LYS D 23 12.10 16.01 -13.90
CA LYS D 23 12.28 15.23 -15.12
C LYS D 23 11.00 14.50 -15.51
N ILE D 24 10.26 13.99 -14.52
CA ILE D 24 8.97 13.39 -14.80
C ILE D 24 8.00 14.42 -15.34
N ARG D 25 8.26 15.71 -15.12
CA ARG D 25 7.41 16.74 -15.68
C ARG D 25 7.43 16.75 -17.20
N ASP D 26 8.54 16.33 -17.81
CA ASP D 26 8.68 16.38 -19.27
C ASP D 26 7.97 15.21 -19.95
N ARG D 27 8.02 14.01 -19.37
CA ARG D 27 7.40 12.86 -20.00
C ARG D 27 5.89 13.05 -20.14
N LEU D 28 5.26 13.69 -19.15
CA LEU D 28 3.82 13.93 -19.21
C LEU D 28 3.46 14.88 -20.35
N ALA D 29 4.32 15.86 -20.63
CA ALA D 29 4.01 16.81 -21.70
C ALA D 29 4.07 16.15 -23.08
N GLU D 30 5.00 15.21 -23.27
CA GLU D 30 5.09 14.52 -24.55
C GLU D 30 3.89 13.62 -24.77
N ASN D 31 3.56 12.77 -23.79
CA ASN D 31 2.49 11.80 -23.97
C ASN D 31 1.12 12.46 -23.99
N ILE D 32 0.87 13.40 -23.09
CA ILE D 32 -0.44 14.05 -23.04
C ILE D 32 -0.72 14.78 -24.33
N HIS D 33 0.32 15.34 -24.96
CA HIS D 33 0.13 15.99 -26.26
C HIS D 33 -0.15 14.96 -27.34
N GLU D 34 0.53 13.81 -27.28
CA GLU D 34 0.28 12.75 -28.26
C GLU D 34 -1.10 12.14 -28.07
N LEU D 35 -1.58 12.06 -26.83
CA LEU D 35 -2.94 11.57 -26.61
C LEU D 35 -3.95 12.51 -27.24
N TRP D 36 -3.72 13.82 -27.12
CA TRP D 36 -4.53 14.78 -27.85
C TRP D 36 -4.34 14.63 -29.36
N GLY D 37 -3.09 14.53 -29.81
CA GLY D 37 -2.81 14.43 -31.24
C GLY D 37 -3.38 13.16 -31.84
N MET D 38 -3.35 12.06 -31.09
CA MET D 38 -3.88 10.80 -31.60
C MET D 38 -5.37 10.90 -31.88
N ASN D 39 -6.13 11.47 -30.94
CA ASN D 39 -7.56 11.56 -31.13
C ASN D 39 -7.92 12.47 -32.30
N LYS D 40 -7.08 13.48 -32.57
CA LYS D 40 -7.32 14.36 -33.71
C LYS D 40 -7.19 13.62 -35.02
N ILE D 41 -6.20 12.72 -35.13
CA ILE D 41 -6.10 11.90 -36.33
C ILE D 41 -7.30 10.98 -36.44
N GLU D 42 -7.75 10.44 -35.30
CA GLU D 42 -8.96 9.63 -35.30
C GLU D 42 -10.20 10.45 -35.61
N LEU D 43 -10.15 11.78 -35.37
CA LEU D 43 -11.25 12.66 -35.69
C LEU D 43 -11.14 13.26 -37.09
N GLY D 44 -10.17 12.81 -37.89
CA GLY D 44 -10.07 13.25 -39.27
C GLY D 44 -9.27 14.52 -39.44
N TRP D 45 -8.09 14.58 -38.84
CA TRP D 45 -7.21 15.74 -38.94
C TRP D 45 -5.87 15.27 -39.47
N THR D 46 -5.30 16.03 -40.40
CA THR D 46 -4.01 15.71 -40.98
C THR D 46 -3.00 16.82 -40.69
N PHE D 47 -1.78 16.60 -41.15
CA PHE D 47 -0.72 17.58 -40.92
C PHE D 47 -0.77 18.69 -41.96
N GLY D 48 -0.12 19.81 -41.62
CA GLY D 48 -0.02 20.94 -42.50
C GLY D 48 0.73 22.09 -41.86
N LYS D 49 1.34 22.96 -42.66
CA LYS D 49 2.10 24.06 -42.09
C LYS D 49 1.20 25.15 -41.53
N ILE D 50 -0.09 25.14 -41.88
CA ILE D 50 -1.04 26.13 -41.38
C ILE D 50 -2.29 25.41 -40.89
N ARG D 51 -2.96 26.03 -39.92
CA ARG D 51 -4.14 25.42 -39.32
C ARG D 51 -5.35 25.65 -40.22
N ASP D 52 -6.20 24.63 -40.34
CA ASP D 52 -7.40 24.71 -41.15
C ASP D 52 -8.43 23.74 -40.58
N ASP D 53 -9.48 24.28 -39.96
CA ASP D 53 -10.51 23.43 -39.39
C ASP D 53 -11.34 22.75 -40.47
N ASN D 54 -11.80 23.53 -41.47
CA ASN D 54 -12.60 22.97 -42.55
C ASN D 54 -11.78 22.07 -43.46
N LYS D 55 -10.45 22.18 -43.45
CA LYS D 55 -9.58 21.33 -44.26
C LYS D 55 -8.91 20.25 -43.43
N ARG D 56 -9.12 20.22 -42.12
CA ARG D 56 -8.55 19.21 -41.23
C ARG D 56 -7.02 19.23 -41.30
N GLN D 57 -6.45 20.42 -41.41
CA GLN D 57 -5.01 20.58 -41.50
C GLN D 57 -4.53 21.37 -40.30
N HIS D 58 -3.40 20.98 -39.73
CA HIS D 58 -2.94 21.69 -38.55
C HIS D 58 -1.50 21.37 -38.19
N PRO D 59 -0.67 22.38 -37.96
CA PRO D 59 0.72 22.11 -37.52
C PRO D 59 0.80 21.67 -36.08
N CYS D 60 -0.22 21.99 -35.26
CA CYS D 60 -0.19 21.69 -33.84
C CYS D 60 -0.22 20.18 -33.60
N LEU D 61 -0.23 19.41 -34.68
CA LEU D 61 -0.05 17.96 -34.64
C LEU D 61 1.41 17.58 -34.72
N VAL D 62 2.30 18.37 -34.13
CA VAL D 62 3.73 18.11 -34.23
C VAL D 62 4.25 17.54 -32.92
N GLU D 63 5.50 17.05 -32.97
CA GLU D 63 6.17 16.47 -31.82
C GLU D 63 6.56 17.53 -30.80
N PHE D 64 6.81 17.06 -29.58
CA PHE D 64 7.19 17.96 -28.50
C PHE D 64 8.51 18.67 -28.82
N SER D 65 9.43 17.96 -29.48
CA SER D 65 10.71 18.57 -29.82
C SER D 65 10.55 19.65 -30.88
N LYS D 66 9.50 19.59 -31.69
CA LYS D 66 9.28 20.54 -32.79
C LYS D 66 8.02 21.38 -32.56
N LEU D 67 7.51 21.40 -31.32
CA LEU D 67 6.29 22.12 -31.01
C LEU D 67 6.53 23.63 -30.89
N PRO D 68 5.52 24.44 -31.16
CA PRO D 68 5.65 25.88 -30.90
C PRO D 68 5.84 26.16 -29.42
N GLU D 69 6.51 27.28 -29.14
CA GLU D 69 6.89 27.57 -27.76
C GLU D 69 5.69 27.96 -26.90
N THR D 70 4.73 28.68 -27.48
CA THR D 70 3.57 29.12 -26.72
C THR D 70 2.72 27.94 -26.25
N GLU D 71 2.77 26.82 -26.97
CA GLU D 71 2.05 25.62 -26.56
C GLU D 71 2.89 24.73 -25.67
N LYS D 72 4.19 24.58 -25.98
CA LYS D 72 5.05 23.73 -25.18
C LYS D 72 5.15 24.25 -23.76
N ASN D 73 5.30 25.57 -23.59
CA ASN D 73 5.47 26.11 -22.24
C ASN D 73 4.18 26.06 -21.44
N TYR D 74 3.02 26.18 -22.09
CA TYR D 74 1.77 26.03 -21.38
C TYR D 74 1.48 24.57 -21.07
N ASN D 75 1.81 23.67 -21.98
CA ASN D 75 1.60 22.24 -21.74
C ASN D 75 2.47 21.75 -20.61
N LEU D 76 3.74 22.18 -20.58
CA LEU D 76 4.62 21.81 -19.48
C LEU D 76 4.22 22.49 -18.19
N GLN D 77 3.53 23.63 -18.27
CA GLN D 77 3.00 24.27 -17.07
C GLN D 77 1.79 23.51 -16.55
N MET D 78 0.96 22.98 -17.44
CA MET D 78 -0.15 22.13 -17.01
C MET D 78 0.37 20.81 -16.46
N SER D 79 1.49 20.31 -16.98
CA SER D 79 2.11 19.12 -16.41
C SER D 79 2.67 19.42 -15.02
N THR D 80 3.42 20.51 -14.89
CA THR D 80 3.94 20.91 -13.58
C THR D 80 2.80 21.16 -12.59
N GLU D 81 1.77 21.89 -13.03
CA GLU D 81 0.67 22.23 -12.13
C GLU D 81 -0.14 21.00 -11.73
N THR D 82 -0.21 19.99 -12.61
CA THR D 82 -0.92 18.77 -12.25
C THR D 82 -0.16 17.97 -11.20
N LEU D 83 1.17 17.90 -11.34
CA LEU D 83 1.99 17.26 -10.32
C LEU D 83 1.99 18.08 -9.03
N LYS D 84 2.12 19.41 -9.14
CA LYS D 84 2.13 20.26 -7.96
C LYS D 84 0.80 20.20 -7.22
N THR D 85 -0.31 20.00 -7.94
CA THR D 85 -1.60 19.91 -7.29
C THR D 85 -1.63 18.73 -6.31
N LEU D 86 -0.99 17.62 -6.67
CA LEU D 86 -0.92 16.49 -5.75
C LEU D 86 -0.20 16.89 -4.46
N LEU D 87 0.96 17.53 -4.60
CA LEU D 87 1.68 17.99 -3.41
C LEU D 87 0.87 19.00 -2.62
N ALA D 88 0.08 19.82 -3.31
CA ALA D 88 -0.78 20.77 -2.62
C ALA D 88 -1.91 20.05 -1.89
N LEU D 89 -2.32 18.88 -2.37
CA LEU D 89 -3.35 18.08 -1.73
C LEU D 89 -2.79 17.16 -0.65
N GLY D 90 -1.50 17.23 -0.35
CA GLY D 90 -0.94 16.44 0.74
C GLY D 90 -0.54 15.03 0.36
N CYS D 91 -0.44 14.73 -0.94
CA CYS D 91 -0.14 13.37 -1.40
C CYS D 91 1.36 13.12 -1.42
N HIS D 92 1.75 11.90 -1.05
CA HIS D 92 3.14 11.48 -1.09
C HIS D 92 3.45 10.76 -2.39
N ILE D 93 4.42 11.30 -3.14
CA ILE D 93 4.87 10.73 -4.40
C ILE D 93 6.18 10.00 -4.12
N ALA D 94 6.15 8.67 -4.18
CA ALA D 94 7.34 7.88 -3.88
C ALA D 94 7.81 7.14 -5.13
N HIS D 95 8.96 6.48 -4.98
CA HIS D 95 9.60 5.74 -6.07
C HIS D 95 9.84 4.33 -5.56
N VAL D 96 9.17 3.36 -6.17
CA VAL D 96 9.17 1.98 -5.70
C VAL D 96 10.09 1.11 -6.54
N ASN D 97 10.00 1.19 -7.86
CA ASN D 97 10.88 0.38 -8.69
C ASN D 97 11.31 1.17 -9.92
N PRO D 98 12.64 1.34 -10.10
CA PRO D 98 13.15 2.07 -11.27
C PRO D 98 13.14 1.23 -12.53
N ALA D 99 13.26 -0.08 -12.34
CA ALA D 99 13.29 -1.02 -13.44
C ALA D 99 11.98 -1.04 -14.21
N ALA D 100 10.92 -0.45 -13.65
CA ALA D 100 9.66 -0.33 -14.37
C ALA D 100 9.84 0.47 -15.65
N GLU D 101 10.83 1.36 -15.69
CA GLU D 101 11.14 2.09 -16.91
C GLU D 101 11.76 1.18 -17.96
N GLU D 102 12.17 -0.02 -17.57
CA GLU D 102 12.66 -1.04 -18.50
C GLU D 102 11.56 -2.02 -18.90
N ASP D 103 10.55 -2.20 -18.05
CA ASP D 103 9.33 -2.87 -18.46
C ASP D 103 8.42 -1.98 -19.30
N LEU D 104 8.62 -0.67 -19.23
CA LEU D 104 7.77 0.26 -19.96
C LEU D 104 8.09 0.20 -21.44
N LYS D 105 7.09 -0.15 -22.25
CA LYS D 105 7.21 -0.19 -23.69
C LYS D 105 6.24 0.82 -24.29
N LYS D 106 6.50 1.21 -25.54
CA LYS D 106 5.58 2.09 -26.25
C LYS D 106 4.86 1.32 -27.36
N VAL D 107 3.68 1.83 -27.72
CA VAL D 107 2.80 1.16 -28.67
C VAL D 107 3.02 1.79 -30.04
N LEU D 109 1.28 3.06 -33.54
CA LEU D 109 0.09 3.12 -34.38
C LEU D 109 0.42 2.89 -35.85
N PRO D 110 -0.52 2.31 -36.59
CA PRO D 110 -0.30 2.05 -38.02
C PRO D 110 0.08 3.30 -38.79
N LYS D 111 0.54 3.05 -40.02
CA LYS D 111 1.03 4.11 -40.90
C LYS D 111 0.03 5.24 -41.05
N ASN D 112 -1.26 4.94 -41.06
CA ASN D 112 -2.25 6.00 -41.24
C ASN D 112 -2.04 7.20 -40.32
N TYR D 113 -1.43 6.96 -39.14
CA TYR D 113 -1.07 7.99 -38.18
C TYR D 113 0.26 8.71 -38.32
N MET D 114 0.83 8.66 -39.51
CA MET D 114 2.05 9.36 -39.89
C MET D 114 1.57 10.51 -40.76
N MET D 115 1.43 11.68 -40.15
CA MET D 115 0.84 12.84 -40.82
C MET D 115 1.77 13.36 -41.90
N SER D 116 2.90 13.97 -41.52
CA SER D 116 3.77 14.56 -42.54
C SER D 116 5.25 14.23 -42.33
N ASN D 117 5.90 14.95 -41.42
CA ASN D 117 7.34 14.85 -41.20
C ASN D 117 7.68 13.73 -40.23
N GLY D 118 7.08 12.56 -40.44
CA GLY D 118 7.27 11.49 -39.50
C GLY D 118 6.50 11.67 -38.22
N TYR D 119 5.66 12.71 -38.14
CA TYR D 119 4.86 12.96 -36.95
C TYR D 119 3.75 11.93 -36.90
N LYS D 120 3.98 10.86 -36.14
CA LYS D 120 3.03 9.79 -35.94
C LYS D 120 3.03 9.43 -34.46
N PRO D 121 1.96 9.78 -33.73
CA PRO D 121 1.97 9.52 -32.28
C PRO D 121 2.24 8.06 -31.96
N ALA D 122 2.91 7.85 -30.83
CA ALA D 122 3.24 6.52 -30.35
C ALA D 122 3.28 6.57 -28.83
N PRO D 123 2.13 6.72 -28.19
CA PRO D 123 2.11 6.81 -26.73
C PRO D 123 2.61 5.54 -26.06
N LEU D 124 2.96 5.68 -24.79
CA LEU D 124 3.39 4.55 -23.99
C LEU D 124 2.26 3.55 -23.80
N ASP D 125 2.60 2.26 -23.97
CA ASP D 125 1.64 1.16 -23.81
C ASP D 125 1.46 0.90 -22.32
N LEU D 126 0.43 1.53 -21.74
CA LEU D 126 0.13 1.44 -20.32
C LEU D 126 -1.09 0.57 -20.07
N SER D 127 -1.25 -0.48 -20.88
CA SER D 127 -2.35 -1.41 -20.69
C SER D 127 -2.20 -2.28 -19.45
N ASP D 128 -1.00 -2.34 -18.87
CA ASP D 128 -0.76 -3.24 -17.72
C ASP D 128 -0.82 -2.45 -16.41
N VAL D 129 -1.47 -1.29 -16.39
CA VAL D 129 -1.53 -0.47 -15.18
C VAL D 129 -3.00 -0.25 -14.81
N LYS D 130 -3.44 -0.93 -13.76
CA LYS D 130 -4.75 -0.72 -13.16
C LYS D 130 -4.56 0.21 -11.97
N LEU D 131 -5.61 0.96 -11.63
CA LEU D 131 -5.50 1.99 -10.60
C LEU D 131 -6.40 1.69 -9.42
N LEU D 132 -5.88 1.94 -8.22
CA LEU D 132 -6.60 1.78 -6.97
C LEU D 132 -7.56 2.94 -6.74
N PRO D 133 -8.52 2.77 -5.83
CA PRO D 133 -9.53 3.80 -5.59
C PRO D 133 -8.89 5.15 -5.29
N PRO D 134 -7.86 5.19 -4.44
CA PRO D 134 -7.19 6.48 -4.16
C PRO D 134 -6.71 7.17 -5.43
N GLN D 135 -6.33 6.41 -6.45
CA GLN D 135 -5.89 7.01 -7.71
C GLN D 135 -7.07 7.37 -8.62
N GLU D 136 -8.22 6.73 -8.44
CA GLU D 136 -9.39 7.07 -9.24
C GLU D 136 -10.16 8.25 -8.67
N ILE D 137 -10.06 8.50 -7.36
CA ILE D 137 -10.69 9.68 -6.79
C ILE D 137 -9.84 10.93 -7.03
N LEU D 138 -8.51 10.77 -7.09
CA LEU D 138 -7.64 11.90 -7.41
C LEU D 138 -7.75 12.29 -8.87
N VAL D 139 -7.88 11.30 -9.76
CA VAL D 139 -8.05 11.59 -11.18
C VAL D 139 -9.29 12.45 -11.39
N ASP D 140 -10.36 12.18 -10.65
CA ASP D 140 -11.56 13.00 -10.75
C ASP D 140 -11.31 14.41 -10.23
N LYS D 141 -10.56 14.53 -9.13
CA LYS D 141 -10.22 15.85 -8.62
C LYS D 141 -9.24 16.56 -9.54
N LEU D 142 -8.24 15.83 -10.05
CA LEU D 142 -7.26 16.43 -10.94
C LEU D 142 -7.90 16.88 -12.25
N ALA D 143 -8.81 16.06 -12.79
CA ALA D 143 -9.47 16.44 -14.04
C ALA D 143 -10.42 17.61 -13.83
N GLU D 144 -11.07 17.68 -12.66
CA GLU D 144 -11.91 18.82 -12.35
C GLU D 144 -11.08 20.08 -12.17
N ASN D 145 -9.94 19.96 -11.47
CA ASN D 145 -9.07 21.11 -11.27
C ASN D 145 -8.43 21.54 -12.59
N ALA D 146 -8.05 20.58 -13.43
CA ALA D 146 -7.50 20.92 -14.73
C ALA D 146 -8.52 21.68 -15.58
N HIS D 147 -9.80 21.39 -15.41
CA HIS D 147 -10.84 22.15 -16.09
C HIS D 147 -10.94 23.56 -15.53
N ASN D 148 -10.80 23.69 -14.21
CA ASN D 148 -10.89 25.02 -13.59
C ASN D 148 -9.69 25.87 -13.96
N VAL D 149 -8.50 25.26 -14.05
CA VAL D 149 -7.32 26.01 -14.44
C VAL D 149 -7.44 26.46 -15.90
N TRP D 150 -7.88 25.56 -16.79
CA TRP D 150 -8.09 25.95 -18.17
C TRP D 150 -9.23 26.96 -18.29
N ALA D 151 -10.30 26.77 -17.51
CA ALA D 151 -11.44 27.68 -17.57
C ALA D 151 -11.08 29.05 -17.03
N LYS D 152 -10.40 29.10 -15.88
CA LYS D 152 -9.94 30.38 -15.37
C LYS D 152 -8.90 30.96 -16.32
N ASP D 153 -8.01 30.13 -16.85
CA ASP D 153 -7.07 30.66 -17.80
C ASP D 153 -7.77 31.15 -19.06
N ARG D 154 -8.83 30.44 -19.50
CA ARG D 154 -9.50 30.95 -20.69
C ARG D 154 -10.48 32.07 -20.35
N ILE D 155 -11.18 31.98 -19.23
CA ILE D 155 -12.14 33.03 -18.88
C ILE D 155 -11.43 34.34 -18.51
N LYS D 156 -10.29 34.26 -17.82
CA LYS D 156 -9.55 35.46 -17.49
C LYS D 156 -8.74 36.01 -18.67
N GLN D 157 -8.50 35.19 -19.70
CA GLN D 157 -7.96 35.65 -20.98
C GLN D 157 -9.04 36.24 -21.87
N GLY D 158 -10.29 36.26 -21.40
CA GLY D 158 -11.36 36.98 -22.07
C GLY D 158 -12.44 36.12 -22.71
N TRP D 159 -12.32 34.80 -22.66
CA TRP D 159 -13.33 33.97 -23.29
C TRP D 159 -14.60 34.00 -22.43
N THR D 160 -15.75 33.96 -23.09
CA THR D 160 -17.03 34.01 -22.42
C THR D 160 -17.85 32.78 -22.78
N TYR D 161 -18.91 32.56 -22.01
CA TYR D 161 -19.77 31.41 -22.27
C TYR D 161 -20.59 31.65 -23.53
N GLY D 162 -20.78 30.59 -24.29
CA GLY D 162 -21.66 30.65 -25.45
C GLY D 162 -21.99 29.26 -25.94
N ILE D 163 -23.07 29.16 -26.71
CA ILE D 163 -23.46 27.86 -27.24
C ILE D 163 -22.56 27.45 -28.40
N GLN D 164 -22.00 28.41 -29.14
CA GLN D 164 -21.13 28.12 -30.26
C GLN D 164 -19.84 28.93 -30.18
N GLN D 165 -18.88 28.51 -31.00
CA GLN D 165 -17.53 29.04 -31.00
C GLN D 165 -17.20 29.76 -32.31
N ASP D 166 -16.26 30.68 -32.24
CA ASP D 166 -15.80 31.47 -33.38
C ASP D 166 -14.28 31.46 -33.37
N LEU D 167 -13.67 31.26 -34.54
CA LEU D 167 -12.23 31.12 -34.62
C LEU D 167 -11.48 32.43 -34.48
N LYS D 168 -12.20 33.54 -34.28
CA LYS D 168 -11.57 34.85 -34.08
C LYS D 168 -11.98 35.48 -32.76
N ASN D 169 -13.28 35.51 -32.47
CA ASN D 169 -13.82 36.10 -31.26
C ASN D 169 -13.87 35.08 -30.13
N LYS D 170 -13.55 35.54 -28.93
CA LYS D 170 -13.38 34.70 -27.74
C LYS D 170 -14.74 34.39 -27.09
N ARG D 171 -15.39 33.35 -27.62
CA ARG D 171 -16.56 32.75 -26.99
C ARG D 171 -16.50 31.26 -27.27
N ASN D 172 -16.78 30.45 -26.24
CA ASN D 172 -16.57 29.00 -26.36
C ASN D 172 -17.56 28.25 -25.48
N PRO D 173 -18.14 27.15 -25.97
CA PRO D 173 -19.20 26.47 -25.22
C PRO D 173 -18.73 25.62 -24.04
N ARG D 174 -17.45 25.28 -23.96
CA ARG D 174 -16.97 24.41 -22.89
C ARG D 174 -16.60 25.18 -21.63
N LEU D 175 -16.73 26.50 -21.63
CA LEU D 175 -16.45 27.33 -20.45
C LEU D 175 -17.65 27.34 -19.51
N VAL D 176 -17.92 26.17 -18.95
CA VAL D 176 -19.00 25.98 -17.98
C VAL D 176 -18.42 25.24 -16.78
N PRO D 177 -19.13 25.14 -15.66
CA PRO D 177 -18.62 24.34 -14.54
C PRO D 177 -18.36 22.91 -14.98
N TYR D 178 -17.42 22.26 -14.29
CA TYR D 178 -17.01 20.92 -14.67
C TYR D 178 -18.13 19.90 -14.52
N ALA D 179 -19.01 20.06 -13.53
CA ALA D 179 -20.13 19.15 -13.38
C ALA D 179 -21.24 19.40 -14.39
N LEU D 180 -21.28 20.57 -15.00
CA LEU D 180 -22.26 20.91 -16.03
C LEU D 180 -21.81 20.58 -17.45
N LEU D 181 -20.54 20.23 -17.64
CA LEU D 181 -20.00 20.05 -18.98
C LEU D 181 -20.64 18.84 -19.67
N ASP D 182 -20.54 18.83 -20.99
CA ASP D 182 -21.06 17.70 -21.75
C ASP D 182 -20.22 16.45 -21.47
N GLU D 183 -20.88 15.30 -21.55
CA GLU D 183 -20.23 14.05 -21.17
C GLU D 183 -19.12 13.67 -22.13
N ARG D 184 -19.19 14.11 -23.39
CA ARG D 184 -18.14 13.80 -24.34
C ARG D 184 -16.80 14.40 -23.93
N THR D 185 -16.82 15.66 -23.48
CA THR D 185 -15.58 16.32 -23.07
C THR D 185 -15.11 15.86 -21.70
N LYS D 186 -16.04 15.66 -20.75
CA LYS D 186 -15.65 15.19 -19.43
C LYS D 186 -14.89 13.87 -19.51
N LYS D 187 -15.43 12.90 -20.26
CA LYS D 187 -14.79 11.59 -20.32
C LYS D 187 -13.40 11.69 -20.93
N SER D 188 -13.25 12.49 -22.00
CA SER D 188 -11.93 12.71 -22.58
C SER D 188 -10.98 13.32 -21.55
N ASN D 189 -11.50 14.22 -20.71
CA ASN D 189 -10.67 14.83 -19.68
C ASN D 189 -10.34 13.83 -18.58
N ARG D 190 -11.34 13.04 -18.16
CA ARG D 190 -11.09 12.04 -17.13
C ARG D 190 -10.11 10.98 -17.61
N ASP D 191 -10.21 10.58 -18.88
CA ASP D 191 -9.23 9.66 -19.44
C ASP D 191 -7.85 10.30 -19.61
N SER D 192 -7.81 11.55 -20.07
CA SER D 192 -6.52 12.18 -20.37
C SER D 192 -5.65 12.30 -19.12
N LEU D 193 -6.24 12.68 -17.98
CA LEU D 193 -5.48 12.70 -16.75
C LEU D 193 -5.37 11.31 -16.14
N ARG D 194 -6.23 10.38 -16.56
CA ARG D 194 -6.07 8.98 -16.18
C ARG D 194 -4.79 8.36 -16.76
N GLU D 195 -4.54 8.58 -18.06
CA GLU D 195 -3.30 8.08 -18.65
C GLU D 195 -2.07 8.77 -18.06
N ALA D 196 -2.23 9.99 -17.55
CA ALA D 196 -1.14 10.65 -16.84
C ALA D 196 -0.74 9.84 -15.60
N VAL D 197 -1.72 9.52 -14.75
CA VAL D 197 -1.43 8.71 -13.57
C VAL D 197 -0.95 7.32 -13.98
N ARG D 198 -1.48 6.78 -15.06
CA ARG D 198 -0.96 5.50 -15.56
C ARG D 198 0.48 5.65 -16.02
N THR D 199 0.80 6.77 -16.69
CA THR D 199 2.18 7.04 -17.06
C THR D 199 3.05 7.24 -15.83
N PHE D 200 2.49 7.87 -14.80
CA PHE D 200 3.21 8.06 -13.55
C PHE D 200 3.61 6.71 -12.95
N VAL D 201 2.64 5.81 -12.80
CA VAL D 201 2.92 4.49 -12.25
C VAL D 201 3.79 3.66 -13.20
N GLY D 202 3.72 3.93 -14.50
CA GLY D 202 4.46 3.11 -15.45
C GLY D 202 5.96 3.21 -15.33
N TYR D 203 6.48 4.40 -15.01
CA TYR D 203 7.91 4.56 -14.81
C TYR D 203 8.38 4.15 -13.42
N GLY D 204 7.46 3.71 -12.55
CA GLY D 204 7.81 3.23 -11.23
C GLY D 204 7.64 4.20 -10.09
N TYR D 205 6.94 5.31 -10.30
CA TYR D 205 6.64 6.24 -9.22
C TYR D 205 5.20 6.04 -8.74
N ASN D 206 4.96 6.43 -7.50
CA ASN D 206 3.69 6.19 -6.83
C ASN D 206 3.03 7.50 -6.42
N ILE D 207 1.69 7.46 -6.35
CA ILE D 207 0.87 8.62 -5.99
C ILE D 207 -0.19 8.14 -5.01
N GLU D 208 0.04 8.38 -3.72
CA GLU D 208 -0.85 7.90 -2.66
C GLU D 208 -0.96 8.92 -1.54
N PRO D 209 -2.18 9.28 -1.12
CA PRO D 209 -2.40 10.27 -0.06
C PRO D 209 -1.73 9.86 1.26
PG ACP E . -3.58 -28.55 -2.51
O1G ACP E . -4.45 -27.35 -2.37
O2G ACP E . -3.29 -28.77 -3.97
O3G ACP E . -4.27 -29.75 -1.94
PB ACP E . -1.68 -26.51 -1.38
O1B ACP E . -2.75 -25.86 -0.57
O2B ACP E . -1.63 -25.89 -2.74
C3B ACP E . -2.01 -28.33 -1.55
PA ACP E . 0.05 -26.29 1.05
O1A ACP E . 0.92 -27.43 1.49
O2A ACP E . -1.25 -26.41 1.78
O3A ACP E . -0.23 -26.36 -0.59
O5' ACP E . 0.82 -24.88 1.45
C5' ACP E . 1.52 -24.11 0.47
C4' ACP E . 2.97 -24.15 0.75
O4' ACP E . 3.49 -25.63 0.49
C3' ACP E . 3.57 -23.32 -0.11
O3' ACP E . 4.54 -22.50 0.63
C2' ACP E . 4.30 -24.19 -1.10
O2' ACP E . 5.56 -23.76 -1.26
C1' ACP E . 4.33 -25.63 -0.48
N9 ACP E . 3.94 -26.55 -1.55
C8 ACP E . 2.83 -27.31 -1.62
N7 ACP E . 2.87 -28.01 -2.77
C5 ACP E . 4.00 -27.70 -3.39
C6 ACP E . 4.59 -28.16 -4.72
N6 ACP E . 3.87 -29.14 -5.53
N1 ACP E . 5.84 -27.64 -5.13
C2 ACP E . 6.52 -26.68 -4.31
N3 ACP E . 5.95 -26.24 -3.05
C4 ACP E . 4.65 -26.79 -2.63
H3B1 ACP E . -1.19 -28.79 -2.07
H3B2 ACP E . -2.11 -28.77 -0.57
H5'1 ACP E . 1.36 -24.49 -0.54
H5'2 ACP E . 1.18 -23.09 0.52
H4' ACP E . 3.17 -23.84 1.77
H3' ACP E . 2.86 -22.70 -0.63
HO3' ACP E . 4.07 -21.81 1.08
H2' ACP E . 3.77 -24.20 -2.05
HO2' ACP E . 5.89 -23.47 -0.42
H1' ACP E . 5.33 -25.85 -0.13
H8 ACP E . 2.04 -27.35 -0.90
HN61 ACP E . 3.54 -29.99 -5.12
HN62 ACP E . 3.73 -28.96 -6.52
H2 ACP E . 7.48 -26.28 -4.62
C10 A1L7B F . 2.01 -34.80 -4.84
C13 A1L7B F . 7.44 -29.61 -2.10
C15 A1L7B F . 4.75 -31.87 -2.29
C17 A1L7B F . 9.46 -29.70 -3.57
C20 A1L7B F . 10.74 -29.29 -3.89
C21 A1L7B F . 11.35 -28.35 -3.15
C09 A1L7B F . 3.46 -34.39 -4.70
C11 A1L7B F . 2.06 -32.84 -3.61
C12 A1L7B F . 8.83 -29.14 -2.45
C14 A1L7B F . 5.50 -30.56 -2.40
C16 A1L7B F . 9.51 -28.17 -1.70
C18 A1L7B F . 6.56 -29.08 -1.03
C19 A1L7B F . 10.78 -27.78 -2.06
N05 A1L7B F . 3.46 -33.17 -3.93
N06 A1L7B F . 1.19 -33.86 -4.18
N07 A1L7B F . 4.65 -32.47 -3.60
N08 A1L7B F . 5.37 -29.80 -1.17
O02 A1L7B F . 6.89 -30.83 -2.57
O03 A1L7B F . 1.61 -35.73 -5.40
O04 A1L7B F . 1.65 -31.92 -3.01
BR1 A1L7B F . 13.12 -27.83 -3.70
H151 A1L7B F . 3.80 -31.66 -1.83
H171 A1L7B F . 8.96 -30.46 -4.16
H201 A1L7B F . 11.23 -29.71 -4.76
H092 A1L7B F . 3.93 -35.15 -4.08
H091 A1L7B F . 3.79 -34.13 -5.70
H161 A1L7B F . 9.04 -27.73 -0.82
H181 A1L7B F . 7.00 -29.29 -0.07
H191 A1L7B F . 11.30 -27.04 -1.48
H061 A1L7B F . 0.19 -33.89 -4.12
PG ACP G . -12.43 8.89 12.22
O1G ACP G . -12.81 10.33 12.17
O2G ACP G . -11.56 8.57 11.03
O3G ACP G . -11.67 8.63 13.48
PB ACP G . -13.59 6.15 12.82
O1B ACP G . -12.91 6.24 14.16
O2B ACP G . -12.73 5.38 11.87
C3B ACP G . -13.96 7.84 12.15
PA ACP G . -15.80 5.47 14.53
O1A ACP G . -15.12 4.57 15.52
O2A ACP G . -15.77 6.88 15.03
O3A ACP G . -15.04 5.38 13.06
O5' ACP G . -17.38 5.01 14.36
C5' ACP G . -17.66 3.75 13.78
C4' ACP G . -18.76 3.94 12.79
O4' ACP G . -19.38 5.41 12.92
C3' ACP G . -18.24 3.89 11.56
O3' ACP G . -18.30 2.49 11.10
C2' ACP G . -19.16 4.75 10.74
O2' ACP G . -20.16 4.01 10.22
C1' ACP G . -19.76 5.78 11.75
N9 ACP G . -19.21 7.09 11.41
C8 ACP G . -17.95 7.50 11.64
N7 ACP G . -17.85 8.77 11.20
C5 ACP G . -19.03 9.12 10.70
C6 ACP G . -19.52 10.41 10.06
N6 ACP G . -18.61 11.55 9.91
N1 ACP G . -20.85 10.52 9.61
C2 ACP G . -21.75 9.40 9.75
N3 ACP G . -21.27 8.17 10.36
C4 ACP G . -19.87 8.07 10.83
H3B1 ACP G . -14.29 7.74 11.12
H3B2 ACP G . -14.75 8.29 12.73
H5'1 ACP G . -16.79 3.34 13.30
H5'2 ACP G . -18.01 3.08 14.54
H4' ACP G . -19.53 3.20 12.91
H3' ACP G . -17.24 4.29 11.52
HO3' ACP G . -17.45 2.23 10.78
H2' ACP G . -18.61 5.27 10.01
HO2' ACP G . -20.33 4.30 9.33
H1' ACP G . -20.85 5.78 11.67
H8 ACP G . -17.16 6.92 12.11
HN61 ACP G . -17.70 11.53 10.36
HN62 ACP G . -18.89 12.36 9.38
H2 ACP G . -22.77 9.49 9.42
C10 A1L7B H . -17.11 15.27 14.00
C13 A1L7B H . -22.58 9.99 13.03
C15 A1L7B H . -20.79 12.51 13.99
C17 A1L7B H . -24.66 10.66 11.89
C20 A1L7B H . -25.89 10.38 11.35
C21 A1L7B H . -26.35 9.14 11.38
C09 A1L7B H . -18.59 15.37 13.73
C11 A1L7B H . -17.87 13.14 13.59
C12 A1L7B H . -23.93 9.62 12.46
C14 A1L7B H . -20.70 11.18 13.25
C16 A1L7B H . -24.44 8.33 12.47
C18 A1L7B H . -21.56 9.11 13.64
C19 A1L7B H . -25.67 8.10 11.92
N05 A1L7B H . -19.03 14.02 13.47
N06 A1L7B H . -16.71 13.92 13.91
N07 A1L7B H . -20.33 13.62 13.17
N08 A1L7B H . -20.66 10.04 14.15
O02 A1L7B H . -21.91 11.11 12.50
O03 A1L7B H . -16.38 16.15 14.25
O04 A1L7B H . -17.89 11.98 13.44
BR1 A1L7B H . -28.07 8.92 10.57
H151 A1L7B H . -20.21 12.44 14.89
H171 A1L7B H . -24.28 11.68 11.87
H201 A1L7B H . -26.47 11.18 10.90
H092 A1L7B H . -19.05 15.68 14.66
H091 A1L7B H . -18.69 15.92 12.80
H161 A1L7B H . -23.87 7.52 12.91
H181 A1L7B H . -22.02 8.54 14.44
H191 A1L7B H . -26.09 7.10 11.92
H061 A1L7B H . -15.79 13.57 14.05
#